data_2QVH
#
_entry.id   2QVH
#
_cell.length_a   44.543
_cell.length_b   52.877
_cell.length_c   61.449
_cell.angle_alpha   70.53
_cell.angle_beta   87.22
_cell.angle_gamma   85.56
#
_symmetry.space_group_name_H-M   'P 1'
#
loop_
_entity.id
_entity.type
_entity.pdbx_description
1 polymer 'O-succinylbenzoate-CoA synthase'
2 non-polymer 'MAGNESIUM ION'
3 non-polymer 2-SUCCINYLBENZOATE
4 water water
#
_entity_poly.entity_id   1
_entity_poly.type   'polypeptide(L)'
_entity_poly.pdbx_seq_one_letter_code
;(MSE)SLTGRAFAIPLRTRFRGITVREG(MSE)LVRGAAGWGEFSPFAEYGPRECARWWAACYEAAELGWPAPVRDTVPV
NATVPAVGPEEAARIVASSGCTTAKVKVAERGQSEANDVARVEAVRDALGPRGRVRIDVNGAWDVDTAVR(MSE)IRLLD
RFELEYVEQPCATVDELAEVRRRVSVPIAADESIRRAEDPLRVRDAEAADVVVLKVQPLGGVRAALRLAEECGLPVVVSS
AVETSVGLAAGVALAAALPELPYACGLATLRLLHADVCDDPLLPVHGVLPVRRVDVSEQRLAEVEIDPAAWQARLAAARA
AWEQVEREPGPEGHHHHHH
;
_entity_poly.pdbx_strand_id   A,B
#
loop_
_chem_comp.id
_chem_comp.type
_chem_comp.name
_chem_comp.formula
MG non-polymer 'MAGNESIUM ION' 'Mg 2'
OSB non-polymer 2-SUCCINYLBENZOATE 'C11 H10 O5'
#
# COMPACT_ATOMS: atom_id res chain seq x y z
N SER A 2 17.92 -14.55 -33.15
CA SER A 2 16.71 -15.40 -33.25
C SER A 2 15.61 -14.72 -34.07
N LEU A 3 14.79 -13.91 -33.41
CA LEU A 3 13.70 -13.19 -34.07
C LEU A 3 13.04 -12.21 -33.10
N THR A 4 12.51 -12.73 -32.00
CA THR A 4 11.85 -11.91 -30.99
C THR A 4 12.40 -12.11 -29.58
N GLY A 5 12.69 -13.36 -29.23
CA GLY A 5 13.23 -13.66 -27.91
C GLY A 5 14.69 -14.02 -28.04
N ARG A 6 15.56 -13.23 -27.41
CA ARG A 6 16.99 -13.47 -27.52
C ARG A 6 17.73 -13.59 -26.20
N ALA A 7 18.68 -14.51 -26.16
CA ALA A 7 19.47 -14.78 -24.96
C ALA A 7 20.74 -13.93 -24.90
N PHE A 8 21.16 -13.62 -23.68
CA PHE A 8 22.36 -12.81 -23.48
C PHE A 8 23.19 -13.39 -22.33
N ALA A 9 24.47 -13.05 -22.32
CA ALA A 9 25.39 -13.48 -21.28
C ALA A 9 26.34 -12.31 -21.04
N ILE A 10 26.14 -11.62 -19.91
CA ILE A 10 26.95 -10.45 -19.57
C ILE A 10 27.79 -10.69 -18.32
N PRO A 11 29.12 -10.54 -18.43
CA PRO A 11 29.99 -10.75 -17.27
C PRO A 11 29.86 -9.64 -16.23
N LEU A 12 29.93 -10.01 -14.94
CA LEU A 12 29.84 -9.03 -13.86
C LEU A 12 31.24 -8.49 -13.57
N ARG A 13 31.32 -7.29 -13.01
CA ARG A 13 32.61 -6.69 -12.69
C ARG A 13 33.25 -7.36 -11.48
N THR A 14 32.43 -8.10 -10.71
CA THR A 14 32.92 -8.81 -9.54
C THR A 14 31.87 -9.81 -9.07
N ARG A 15 32.31 -10.96 -8.56
CA ARG A 15 31.40 -12.00 -8.09
C ARG A 15 30.34 -11.44 -7.16
N PHE A 16 29.08 -11.72 -7.48
CA PHE A 16 27.94 -11.25 -6.69
C PHE A 16 26.89 -12.35 -6.72
N ARG A 17 26.36 -12.70 -5.55
CA ARG A 17 25.36 -13.77 -5.47
C ARG A 17 25.92 -15.04 -6.11
N GLY A 18 27.20 -15.31 -5.85
CA GLY A 18 27.83 -16.50 -6.38
C GLY A 18 28.07 -16.62 -7.87
N ILE A 19 27.73 -15.59 -8.64
CA ILE A 19 27.92 -15.64 -10.09
C ILE A 19 28.90 -14.59 -10.61
N THR A 20 29.40 -14.84 -11.82
CA THR A 20 30.34 -13.94 -12.47
C THR A 20 29.83 -13.58 -13.86
N VAL A 21 28.69 -14.15 -14.22
CA VAL A 21 28.06 -13.90 -15.51
C VAL A 21 26.54 -13.92 -15.37
N ARG A 22 25.89 -12.89 -15.90
CA ARG A 22 24.45 -12.77 -15.83
C ARG A 22 23.79 -13.17 -17.14
N GLU A 23 22.98 -14.22 -17.10
CA GLU A 23 22.30 -14.71 -18.30
C GLU A 23 20.79 -14.55 -18.22
N GLY A 24 20.17 -14.40 -19.38
CA GLY A 24 18.72 -14.26 -19.42
C GLY A 24 18.24 -14.12 -20.84
N MSE A 25 16.96 -13.86 -20.99
CA MSE A 25 16.38 -13.70 -22.31
C MSE A 25 15.52 -12.46 -22.35
O MSE A 25 14.83 -12.14 -21.37
CB MSE A 25 15.56 -14.93 -22.68
CG MSE A 25 15.11 -14.95 -24.13
SE MSE A 25 14.36 -16.68 -24.61
CE MSE A 25 12.74 -16.07 -25.45
N LEU A 26 15.56 -11.76 -23.47
CA LEU A 26 14.76 -10.57 -23.64
C LEU A 26 13.67 -10.90 -24.65
N VAL A 27 12.43 -10.48 -24.36
CA VAL A 27 11.30 -10.74 -25.22
C VAL A 27 10.59 -9.43 -25.58
N ARG A 28 10.28 -9.28 -26.87
CA ARG A 28 9.63 -8.08 -27.38
C ARG A 28 8.13 -8.31 -27.52
N GLY A 29 7.33 -7.45 -26.90
CA GLY A 29 5.89 -7.59 -26.99
C GLY A 29 5.21 -6.28 -27.37
N ALA A 30 3.89 -6.25 -27.25
CA ALA A 30 3.10 -5.07 -27.60
C ALA A 30 3.37 -3.87 -26.69
N ALA A 31 3.74 -4.15 -25.44
CA ALA A 31 4.00 -3.08 -24.47
C ALA A 31 5.46 -2.64 -24.47
N GLY A 32 6.34 -3.49 -24.98
CA GLY A 32 7.76 -3.17 -25.01
C GLY A 32 8.59 -4.40 -24.69
N TRP A 33 9.74 -4.18 -24.06
CA TRP A 33 10.63 -5.28 -23.72
C TRP A 33 10.46 -5.83 -22.31
N GLY A 34 10.65 -7.14 -22.21
CA GLY A 34 10.57 -7.83 -20.94
C GLY A 34 11.82 -8.66 -20.80
N GLU A 35 12.25 -8.90 -19.56
CA GLU A 35 13.43 -9.71 -19.33
C GLU A 35 13.06 -10.92 -18.49
N PHE A 36 13.51 -12.09 -18.92
CA PHE A 36 13.26 -13.34 -18.20
C PHE A 36 14.67 -13.81 -17.84
N SER A 37 15.09 -13.59 -16.60
CA SER A 37 16.44 -13.99 -16.23
C SER A 37 16.62 -14.71 -14.90
N PRO A 38 15.81 -15.73 -14.64
CA PRO A 38 15.97 -16.45 -13.37
C PRO A 38 17.35 -17.10 -13.31
N PHE A 39 17.91 -17.15 -12.10
CA PHE A 39 19.21 -17.76 -11.93
C PHE A 39 19.13 -19.25 -12.29
N ALA A 40 20.24 -19.78 -12.81
CA ALA A 40 20.38 -21.15 -13.28
C ALA A 40 19.71 -22.30 -12.52
N GLU A 41 19.80 -22.29 -11.19
CA GLU A 41 19.24 -23.39 -10.41
C GLU A 41 17.74 -23.50 -10.28
N TYR A 42 17.01 -22.43 -10.60
CA TYR A 42 15.56 -22.48 -10.43
C TYR A 42 14.84 -23.36 -11.44
N GLY A 43 13.97 -24.23 -10.92
CA GLY A 43 13.21 -25.12 -11.77
C GLY A 43 12.08 -24.40 -12.48
N PRO A 44 11.38 -25.07 -13.41
CA PRO A 44 10.27 -24.41 -14.12
C PRO A 44 9.18 -23.89 -13.20
N ARG A 45 8.87 -24.61 -12.13
CA ARG A 45 7.82 -24.17 -11.22
C ARG A 45 8.12 -22.83 -10.57
N GLU A 46 9.37 -22.62 -10.16
CA GLU A 46 9.71 -21.33 -9.56
C GLU A 46 9.91 -20.28 -10.64
N CYS A 47 10.36 -20.69 -11.83
CA CYS A 47 10.55 -19.74 -12.92
C CYS A 47 9.22 -19.23 -13.45
N ALA A 48 8.13 -19.94 -13.15
CA ALA A 48 6.80 -19.54 -13.60
C ALA A 48 6.52 -18.05 -13.36
N ARG A 49 6.78 -17.59 -12.13
CA ARG A 49 6.54 -16.20 -11.81
C ARG A 49 7.51 -15.26 -12.50
N TRP A 50 8.73 -15.73 -12.73
CA TRP A 50 9.72 -14.91 -13.44
C TRP A 50 9.19 -14.70 -14.84
N TRP A 51 8.55 -15.73 -15.40
CA TRP A 51 7.96 -15.60 -16.71
C TRP A 51 6.80 -14.62 -16.66
N ALA A 52 5.96 -14.74 -15.62
CA ALA A 52 4.81 -13.85 -15.48
C ALA A 52 5.25 -12.40 -15.49
N ALA A 53 6.36 -12.11 -14.82
CA ALA A 53 6.90 -10.75 -14.77
C ALA A 53 7.34 -10.31 -16.16
N CYS A 54 8.07 -11.17 -16.86
CA CYS A 54 8.54 -10.86 -18.20
C CYS A 54 7.36 -10.61 -19.14
N TYR A 55 6.34 -11.45 -19.03
CA TYR A 55 5.14 -11.34 -19.85
C TYR A 55 4.46 -10.00 -19.61
N GLU A 56 4.28 -9.66 -18.34
CA GLU A 56 3.64 -8.40 -18.00
C GLU A 56 4.39 -7.23 -18.63
N ALA A 57 5.71 -7.23 -18.51
CA ALA A 57 6.53 -6.14 -19.04
C ALA A 57 6.44 -6.02 -20.54
N ALA A 58 6.50 -7.15 -21.23
CA ALA A 58 6.49 -7.14 -22.69
C ALA A 58 5.12 -7.06 -23.36
N GLU A 59 4.10 -7.63 -22.73
CA GLU A 59 2.78 -7.68 -23.36
C GLU A 59 1.66 -6.86 -22.72
N LEU A 60 1.69 -6.66 -21.41
CA LEU A 60 0.61 -5.95 -20.76
C LEU A 60 0.88 -4.51 -20.37
N GLY A 61 2.10 -4.22 -19.97
CA GLY A 61 2.43 -2.87 -19.53
C GLY A 61 2.34 -2.81 -18.01
N TRP A 62 2.76 -1.69 -17.44
CA TRP A 62 2.74 -1.55 -15.99
C TRP A 62 1.77 -0.47 -15.52
N PRO A 63 1.35 -0.53 -14.25
CA PRO A 63 0.44 0.47 -13.68
C PRO A 63 1.13 1.83 -13.77
N ALA A 64 0.37 2.88 -14.04
CA ALA A 64 0.94 4.22 -14.15
C ALA A 64 1.70 4.61 -12.88
N PRO A 65 2.82 5.33 -13.01
CA PRO A 65 3.59 5.74 -11.85
C PRO A 65 2.98 6.96 -11.16
N VAL A 66 3.30 7.12 -9.88
CA VAL A 66 2.81 8.26 -9.11
C VAL A 66 3.97 9.21 -8.82
N ARG A 67 5.16 8.85 -9.33
CA ARG A 67 6.35 9.67 -9.18
C ARG A 67 7.18 9.49 -10.45
N ASP A 68 7.94 10.52 -10.82
CA ASP A 68 8.74 10.47 -12.05
C ASP A 68 10.19 10.05 -11.90
N THR A 69 10.65 9.90 -10.67
CA THR A 69 12.01 9.46 -10.41
C THR A 69 11.96 8.59 -9.16
N VAL A 70 12.99 7.77 -8.96
CA VAL A 70 13.05 6.90 -7.79
C VAL A 70 14.45 6.93 -7.19
N PRO A 71 14.56 7.07 -5.86
CA PRO A 71 15.87 7.10 -5.21
C PRO A 71 16.44 5.69 -5.11
N VAL A 72 17.76 5.57 -5.21
CA VAL A 72 18.39 4.25 -5.14
C VAL A 72 19.58 4.21 -4.18
N ASN A 73 19.87 3.01 -3.66
CA ASN A 73 21.01 2.83 -2.77
C ASN A 73 22.15 2.21 -3.55
N ALA A 74 23.36 2.33 -3.02
CA ALA A 74 24.51 1.73 -3.66
C ALA A 74 24.52 0.27 -3.21
N THR A 75 24.99 -0.61 -4.08
CA THR A 75 25.07 -2.03 -3.77
C THR A 75 26.54 -2.40 -3.63
N VAL A 76 26.93 -2.80 -2.41
CA VAL A 76 28.30 -3.17 -2.12
C VAL A 76 28.46 -4.69 -1.97
N PRO A 77 29.14 -5.34 -2.93
CA PRO A 77 29.36 -6.79 -2.89
C PRO A 77 30.35 -7.14 -1.78
N ALA A 78 30.56 -8.43 -1.56
CA ALA A 78 31.47 -8.88 -0.51
C ALA A 78 32.93 -8.70 -0.89
N VAL A 79 33.35 -7.46 -1.10
CA VAL A 79 34.74 -7.18 -1.47
C VAL A 79 35.53 -6.59 -0.30
N GLY A 80 36.77 -6.19 -0.58
CA GLY A 80 37.62 -5.61 0.45
C GLY A 80 37.16 -4.23 0.88
N PRO A 81 37.62 -3.74 2.04
CA PRO A 81 37.24 -2.42 2.57
C PRO A 81 37.56 -1.22 1.68
N GLU A 82 38.73 -1.23 1.03
CA GLU A 82 39.10 -0.11 0.18
C GLU A 82 38.19 -0.02 -1.05
N GLU A 83 38.06 -1.14 -1.76
CA GLU A 83 37.21 -1.17 -2.94
C GLU A 83 35.75 -0.96 -2.58
N ALA A 84 35.37 -1.40 -1.38
CA ALA A 84 34.00 -1.23 -0.92
C ALA A 84 33.77 0.27 -0.77
N ALA A 85 34.75 0.95 -0.19
CA ALA A 85 34.64 2.39 0.02
C ALA A 85 34.63 3.12 -1.32
N ARG A 86 35.33 2.57 -2.32
CA ARG A 86 35.39 3.20 -3.62
C ARG A 86 34.09 3.06 -4.40
N ILE A 87 33.37 1.97 -4.16
CA ILE A 87 32.08 1.76 -4.82
C ILE A 87 31.13 2.84 -4.30
N VAL A 88 31.19 3.06 -2.99
CA VAL A 88 30.35 4.05 -2.34
C VAL A 88 30.69 5.45 -2.84
N ALA A 89 31.99 5.74 -2.91
CA ALA A 89 32.45 7.05 -3.36
C ALA A 89 32.03 7.33 -4.80
N SER A 90 31.99 6.29 -5.63
CA SER A 90 31.61 6.44 -7.03
C SER A 90 30.12 6.22 -7.28
N SER A 91 29.36 5.95 -6.23
CA SER A 91 27.93 5.68 -6.37
C SER A 91 27.00 6.88 -6.51
N GLY A 92 27.25 7.94 -5.74
CA GLY A 92 26.40 9.10 -5.78
C GLY A 92 25.16 8.88 -4.92
N CYS A 93 25.19 7.81 -4.13
CA CYS A 93 24.08 7.46 -3.24
C CYS A 93 24.46 7.74 -1.79
N THR A 94 23.47 8.07 -0.97
CA THR A 94 23.71 8.33 0.45
C THR A 94 23.34 7.12 1.30
N THR A 95 22.74 6.13 0.66
CA THR A 95 22.37 4.89 1.34
C THR A 95 23.12 3.76 0.66
N ALA A 96 23.66 2.84 1.44
CA ALA A 96 24.40 1.71 0.88
C ALA A 96 24.01 0.42 1.59
N LYS A 97 23.84 -0.64 0.80
CA LYS A 97 23.49 -1.95 1.33
C LYS A 97 24.75 -2.80 1.18
N VAL A 98 25.24 -3.35 2.29
CA VAL A 98 26.46 -4.14 2.29
C VAL A 98 26.25 -5.64 2.46
N LYS A 99 26.82 -6.42 1.54
CA LYS A 99 26.69 -7.86 1.66
C LYS A 99 27.57 -8.35 2.80
N VAL A 100 27.02 -9.23 3.63
CA VAL A 100 27.77 -9.82 4.73
C VAL A 100 27.50 -11.31 4.77
N ALA A 101 28.34 -12.05 5.49
CA ALA A 101 28.19 -13.50 5.62
C ALA A 101 28.29 -14.26 4.30
N GLU A 102 29.20 -13.80 3.45
CA GLU A 102 29.44 -14.45 2.17
C GLU A 102 30.19 -15.74 2.44
N ARG A 103 29.76 -16.83 1.82
CA ARG A 103 30.39 -18.13 2.02
C ARG A 103 31.89 -18.05 1.79
N GLY A 104 32.66 -18.52 2.76
CA GLY A 104 34.11 -18.50 2.62
C GLY A 104 34.79 -17.33 3.27
N GLN A 105 34.01 -16.33 3.69
CA GLN A 105 34.59 -15.16 4.33
C GLN A 105 34.41 -15.22 5.84
N SER A 106 35.14 -14.37 6.55
CA SER A 106 35.08 -14.34 8.01
C SER A 106 34.25 -13.16 8.50
N GLU A 107 33.76 -13.28 9.73
CA GLU A 107 32.96 -12.22 10.33
C GLU A 107 33.80 -10.95 10.43
N ALA A 108 35.11 -11.13 10.56
CA ALA A 108 36.03 -9.99 10.64
C ALA A 108 36.00 -9.20 9.33
N ASN A 109 35.87 -9.90 8.21
CA ASN A 109 35.80 -9.24 6.91
C ASN A 109 34.56 -8.35 6.87
N ASP A 110 33.45 -8.88 7.37
CA ASP A 110 32.19 -8.14 7.38
C ASP A 110 32.30 -6.84 8.17
N VAL A 111 32.93 -6.92 9.34
CA VAL A 111 33.08 -5.74 10.18
C VAL A 111 33.89 -4.68 9.46
N ALA A 112 35.01 -5.09 8.87
CA ALA A 112 35.90 -4.18 8.14
C ALA A 112 35.17 -3.53 6.97
N ARG A 113 34.38 -4.33 6.26
CA ARG A 113 33.63 -3.83 5.11
C ARG A 113 32.58 -2.80 5.52
N VAL A 114 31.75 -3.14 6.50
CA VAL A 114 30.74 -2.21 6.96
C VAL A 114 31.39 -0.95 7.49
N GLU A 115 32.49 -1.12 8.24
CA GLU A 115 33.19 0.04 8.77
C GLU A 115 33.65 0.95 7.62
N ALA A 116 34.25 0.34 6.61
CA ALA A 116 34.74 1.09 5.45
C ALA A 116 33.59 1.84 4.80
N VAL A 117 32.48 1.15 4.62
CA VAL A 117 31.31 1.76 4.00
C VAL A 117 30.77 2.93 4.81
N ARG A 118 30.71 2.79 6.14
CA ARG A 118 30.22 3.87 7.00
C ARG A 118 31.14 5.08 6.91
N ASP A 119 32.45 4.82 6.89
CA ASP A 119 33.41 5.92 6.82
C ASP A 119 33.30 6.62 5.47
N ALA A 120 33.07 5.83 4.41
CA ALA A 120 32.94 6.38 3.07
C ALA A 120 31.68 7.22 2.90
N LEU A 121 30.66 6.95 3.71
CA LEU A 121 29.41 7.70 3.64
C LEU A 121 29.36 8.87 4.61
N GLY A 122 30.17 8.78 5.65
CA GLY A 122 30.17 9.83 6.66
C GLY A 122 29.06 9.51 7.64
N PRO A 123 28.89 10.29 8.71
CA PRO A 123 27.85 10.05 9.71
C PRO A 123 26.42 10.21 9.20
N ARG A 124 26.25 10.87 8.06
CA ARG A 124 24.92 11.09 7.50
C ARG A 124 24.39 9.93 6.67
N GLY A 125 25.29 9.14 6.10
CA GLY A 125 24.87 8.02 5.28
C GLY A 125 23.96 7.04 6.01
N ARG A 126 23.30 6.18 5.24
CA ARG A 126 22.42 5.15 5.76
C ARG A 126 23.07 3.83 5.36
N VAL A 127 23.27 2.94 6.32
CA VAL A 127 23.91 1.67 6.03
C VAL A 127 23.03 0.45 6.34
N ARG A 128 22.83 -0.39 5.32
CA ARG A 128 22.06 -1.62 5.49
C ARG A 128 23.01 -2.78 5.22
N ILE A 129 22.66 -3.94 5.74
CA ILE A 129 23.45 -5.13 5.47
C ILE A 129 22.49 -6.22 5.02
N ASP A 130 22.97 -7.12 4.16
CA ASP A 130 22.13 -8.21 3.68
C ASP A 130 22.87 -9.50 3.98
N VAL A 131 22.23 -10.35 4.77
CA VAL A 131 22.84 -11.62 5.17
C VAL A 131 22.40 -12.79 4.30
N ASN A 132 21.34 -12.60 3.54
CA ASN A 132 20.81 -13.67 2.70
C ASN A 132 20.55 -14.91 3.55
N GLY A 133 20.05 -14.67 4.77
CA GLY A 133 19.71 -15.73 5.70
C GLY A 133 20.81 -16.69 6.10
N ALA A 134 22.07 -16.26 6.02
CA ALA A 134 23.19 -17.12 6.35
C ALA A 134 23.46 -17.37 7.83
N TRP A 135 22.83 -16.60 8.72
CA TRP A 135 23.06 -16.79 10.16
C TRP A 135 21.94 -17.47 10.94
N ASP A 136 22.30 -18.08 12.06
CA ASP A 136 21.32 -18.70 12.92
C ASP A 136 20.87 -17.55 13.83
N VAL A 137 19.88 -17.78 14.66
CA VAL A 137 19.37 -16.74 15.55
C VAL A 137 20.42 -16.11 16.47
N ASP A 138 21.12 -16.93 17.25
CA ASP A 138 22.13 -16.43 18.18
C ASP A 138 23.24 -15.64 17.50
N THR A 139 23.77 -16.16 16.40
CA THR A 139 24.83 -15.47 15.69
C THR A 139 24.32 -14.15 15.13
N ALA A 140 23.07 -14.14 14.69
CA ALA A 140 22.46 -12.93 14.13
C ALA A 140 22.35 -11.84 15.19
N VAL A 141 21.86 -12.19 16.38
CA VAL A 141 21.72 -11.21 17.44
C VAL A 141 23.08 -10.64 17.80
N ARG A 142 24.08 -11.51 17.92
CA ARG A 142 25.43 -11.11 18.25
C ARG A 142 26.04 -10.17 17.20
N MSE A 143 26.02 -10.60 15.94
CA MSE A 143 26.58 -9.81 14.85
C MSE A 143 25.86 -8.49 14.63
O MSE A 143 26.49 -7.45 14.41
CB MSE A 143 26.58 -10.63 13.56
CG MSE A 143 27.60 -11.76 13.51
SE MSE A 143 29.44 -11.15 13.67
CE MSE A 143 29.57 -10.20 11.99
N ILE A 144 24.52 -8.50 14.67
CA ILE A 144 23.76 -7.28 14.48
C ILE A 144 24.19 -6.28 15.54
N ARG A 145 24.21 -6.73 16.80
CA ARG A 145 24.62 -5.86 17.90
C ARG A 145 26.02 -5.32 17.65
N LEU A 146 26.94 -6.19 17.23
CA LEU A 146 28.31 -5.79 16.97
C LEU A 146 28.42 -4.78 15.83
N LEU A 147 27.79 -5.09 14.70
CA LEU A 147 27.82 -4.20 13.54
C LEU A 147 27.03 -2.92 13.73
N ASP A 148 26.14 -2.87 14.72
CA ASP A 148 25.35 -1.67 14.93
C ASP A 148 26.15 -0.51 15.51
N ARG A 149 27.43 -0.72 15.79
CA ARG A 149 28.20 0.40 16.31
C ARG A 149 28.46 1.32 15.14
N PHE A 150 28.08 0.86 13.95
CA PHE A 150 28.23 1.64 12.72
C PHE A 150 26.87 2.19 12.31
N GLU A 151 25.90 2.06 13.22
CA GLU A 151 24.53 2.53 13.02
C GLU A 151 23.86 1.97 11.76
N LEU A 152 23.10 0.90 11.93
CA LEU A 152 22.42 0.24 10.80
C LEU A 152 20.98 0.69 10.59
N GLU A 153 20.63 0.93 9.33
CA GLU A 153 19.26 1.33 8.97
C GLU A 153 18.36 0.12 9.16
N TYR A 154 18.82 -1.03 8.66
CA TYR A 154 18.11 -2.28 8.84
C TYR A 154 18.95 -3.46 8.38
N VAL A 155 18.58 -4.65 8.84
CA VAL A 155 19.28 -5.88 8.51
C VAL A 155 18.36 -6.74 7.65
N GLU A 156 18.78 -6.99 6.42
CA GLU A 156 17.97 -7.77 5.50
C GLU A 156 18.20 -9.28 5.59
N GLN A 157 17.12 -10.01 5.87
CA GLN A 157 17.13 -11.46 5.99
C GLN A 157 18.30 -12.03 6.80
N PRO A 158 18.38 -11.69 8.10
CA PRO A 158 19.49 -12.22 8.90
C PRO A 158 19.51 -13.75 8.97
N CYS A 159 18.34 -14.37 8.93
CA CYS A 159 18.23 -15.83 9.02
C CYS A 159 17.42 -16.43 7.87
N ALA A 160 17.46 -17.75 7.76
CA ALA A 160 16.77 -18.46 6.68
C ALA A 160 15.25 -18.51 6.74
N THR A 161 14.68 -18.65 7.93
CA THR A 161 13.23 -18.75 8.06
C THR A 161 12.53 -17.61 8.77
N VAL A 162 11.22 -17.50 8.56
CA VAL A 162 10.42 -16.45 9.19
C VAL A 162 10.45 -16.53 10.72
N ASP A 163 10.32 -17.74 11.25
CA ASP A 163 10.33 -17.95 12.69
C ASP A 163 11.61 -17.39 13.30
N GLU A 164 12.73 -17.59 12.59
CA GLU A 164 14.03 -17.10 13.05
C GLU A 164 14.11 -15.59 12.99
N LEU A 165 13.53 -14.99 11.95
CA LEU A 165 13.53 -13.53 11.83
C LEU A 165 12.76 -12.94 12.99
N ALA A 166 11.62 -13.56 13.31
CA ALA A 166 10.77 -13.09 14.40
C ALA A 166 11.54 -13.12 15.72
N GLU A 167 12.31 -14.18 15.95
CA GLU A 167 13.10 -14.30 17.17
C GLU A 167 14.15 -13.20 17.23
N VAL A 168 14.86 -13.01 16.13
CA VAL A 168 15.90 -11.98 16.08
C VAL A 168 15.28 -10.60 16.30
N ARG A 169 14.16 -10.36 15.65
CA ARG A 169 13.49 -9.07 15.76
C ARG A 169 13.16 -8.70 17.20
N ARG A 170 12.80 -9.71 18.00
CA ARG A 170 12.46 -9.48 19.40
C ARG A 170 13.69 -9.31 20.29
N ARG A 171 14.88 -9.55 19.75
CA ARG A 171 16.08 -9.43 20.56
C ARG A 171 17.05 -8.32 20.16
N VAL A 172 16.74 -7.62 19.07
CA VAL A 172 17.59 -6.52 18.62
C VAL A 172 16.73 -5.28 18.37
N SER A 173 17.35 -4.11 18.44
CA SER A 173 16.65 -2.85 18.23
C SER A 173 16.68 -2.44 16.76
N VAL A 174 17.66 -2.95 16.03
CA VAL A 174 17.82 -2.65 14.61
C VAL A 174 16.67 -3.25 13.81
N PRO A 175 16.04 -2.44 12.93
CA PRO A 175 14.93 -2.95 12.13
C PRO A 175 15.35 -4.14 11.27
N ILE A 176 14.40 -5.03 11.01
CA ILE A 176 14.64 -6.23 10.22
C ILE A 176 13.83 -6.19 8.91
N ALA A 177 14.47 -6.54 7.80
CA ALA A 177 13.78 -6.55 6.50
C ALA A 177 13.71 -7.98 6.00
N ALA A 178 12.58 -8.36 5.41
CA ALA A 178 12.39 -9.70 4.88
C ALA A 178 12.48 -9.70 3.36
N ASP A 179 13.30 -10.59 2.81
CA ASP A 179 13.50 -10.71 1.36
C ASP A 179 13.21 -12.13 0.91
N GLU A 180 14.13 -13.05 1.18
CA GLU A 180 13.93 -14.44 0.80
C GLU A 180 12.61 -14.97 1.38
N SER A 181 12.27 -14.53 2.59
CA SER A 181 11.02 -14.98 3.21
C SER A 181 9.79 -14.41 2.52
N ILE A 182 10.00 -13.50 1.57
CA ILE A 182 8.93 -12.89 0.80
C ILE A 182 8.88 -13.49 -0.61
N ARG A 183 10.02 -13.48 -1.31
CA ARG A 183 10.07 -14.00 -2.68
C ARG A 183 10.26 -15.51 -2.82
N ARG A 184 10.84 -16.16 -1.82
CA ARG A 184 11.02 -17.61 -1.90
C ARG A 184 10.43 -18.26 -0.65
N ALA A 185 9.10 -18.18 -0.52
CA ALA A 185 8.41 -18.76 0.62
C ALA A 185 7.03 -19.28 0.23
N GLU A 186 6.60 -20.33 0.92
CA GLU A 186 5.30 -20.94 0.67
C GLU A 186 4.25 -19.84 0.77
N ASP A 187 4.23 -19.15 1.90
CA ASP A 187 3.28 -18.07 2.12
C ASP A 187 3.97 -16.81 2.64
N PRO A 188 4.13 -15.81 1.77
CA PRO A 188 4.78 -14.54 2.12
C PRO A 188 4.13 -13.80 3.30
N LEU A 189 2.82 -13.99 3.47
CA LEU A 189 2.09 -13.30 4.54
C LEU A 189 2.56 -13.66 5.95
N ARG A 190 3.31 -14.75 6.06
CA ARG A 190 3.83 -15.20 7.35
C ARG A 190 4.64 -14.09 8.01
N VAL A 191 5.36 -13.32 7.21
CA VAL A 191 6.17 -12.22 7.72
C VAL A 191 5.30 -11.24 8.49
N ARG A 192 4.12 -10.96 7.93
CA ARG A 192 3.16 -10.05 8.54
C ARG A 192 2.53 -10.62 9.81
N ASP A 193 1.98 -11.83 9.68
CA ASP A 193 1.33 -12.50 10.80
C ASP A 193 2.26 -12.82 11.96
N ALA A 194 3.50 -13.16 11.64
CA ALA A 194 4.48 -13.49 12.67
C ALA A 194 5.25 -12.26 13.13
N GLU A 195 4.93 -11.10 12.55
CA GLU A 195 5.61 -9.86 12.89
C GLU A 195 7.11 -10.12 12.89
N ALA A 196 7.56 -10.72 11.80
CA ALA A 196 8.97 -11.08 11.63
C ALA A 196 9.83 -9.97 11.03
N ALA A 197 9.20 -8.94 10.48
CA ALA A 197 9.98 -7.87 9.88
C ALA A 197 9.34 -6.49 9.99
N ASP A 198 10.18 -5.49 9.88
CA ASP A 198 9.77 -4.09 9.94
C ASP A 198 9.63 -3.57 8.52
N VAL A 199 10.33 -4.22 7.60
CA VAL A 199 10.33 -3.82 6.20
C VAL A 199 10.23 -5.05 5.31
N VAL A 200 9.50 -4.91 4.21
CA VAL A 200 9.33 -5.99 3.24
C VAL A 200 10.00 -5.60 1.93
N VAL A 201 10.90 -6.45 1.45
CA VAL A 201 11.63 -6.23 0.20
C VAL A 201 10.88 -6.85 -0.98
N LEU A 202 10.75 -6.10 -2.07
CA LEU A 202 10.05 -6.57 -3.26
C LEU A 202 10.97 -6.62 -4.48
N LYS A 203 10.97 -7.76 -5.17
CA LYS A 203 11.74 -7.93 -6.41
C LYS A 203 10.70 -8.34 -7.47
N VAL A 204 10.61 -7.55 -8.54
CA VAL A 204 9.62 -7.81 -9.57
C VAL A 204 9.57 -9.19 -10.21
N GLN A 205 10.67 -9.69 -10.75
CA GLN A 205 10.63 -10.99 -11.40
C GLN A 205 10.22 -12.13 -10.51
N PRO A 206 10.92 -12.32 -9.38
CA PRO A 206 10.52 -13.43 -8.52
C PRO A 206 9.09 -13.33 -7.97
N LEU A 207 8.56 -12.12 -7.91
CA LEU A 207 7.20 -11.96 -7.39
C LEU A 207 6.10 -12.05 -8.44
N GLY A 208 6.49 -12.18 -9.70
CA GLY A 208 5.52 -12.31 -10.77
C GLY A 208 5.07 -11.03 -11.44
N GLY A 209 5.83 -9.94 -11.24
CA GLY A 209 5.48 -8.69 -11.89
C GLY A 209 5.13 -7.55 -10.96
N VAL A 210 4.94 -6.38 -11.55
CA VAL A 210 4.61 -5.18 -10.81
C VAL A 210 3.27 -5.25 -10.10
N ARG A 211 2.22 -5.61 -10.83
CA ARG A 211 0.90 -5.69 -10.23
C ARG A 211 0.89 -6.72 -9.11
N ALA A 212 1.57 -7.85 -9.32
CA ALA A 212 1.63 -8.88 -8.29
C ALA A 212 2.35 -8.33 -7.05
N ALA A 213 3.48 -7.66 -7.27
CA ALA A 213 4.26 -7.10 -6.17
C ALA A 213 3.47 -6.04 -5.41
N LEU A 214 2.71 -5.21 -6.13
CA LEU A 214 1.91 -4.17 -5.49
C LEU A 214 0.84 -4.80 -4.61
N ARG A 215 0.23 -5.87 -5.11
CA ARG A 215 -0.81 -6.58 -4.36
C ARG A 215 -0.24 -7.16 -3.08
N LEU A 216 0.93 -7.77 -3.18
CA LEU A 216 1.58 -8.37 -2.01
C LEU A 216 1.94 -7.29 -1.00
N ALA A 217 2.41 -6.15 -1.48
CA ALA A 217 2.78 -5.04 -0.60
C ALA A 217 1.54 -4.58 0.14
N GLU A 218 0.40 -4.56 -0.57
CA GLU A 218 -0.85 -4.13 0.05
C GLU A 218 -1.26 -5.13 1.14
N GLU A 219 -1.20 -6.41 0.82
CA GLU A 219 -1.59 -7.46 1.76
C GLU A 219 -0.72 -7.53 3.03
N CYS A 220 0.56 -7.18 2.92
CA CYS A 220 1.46 -7.23 4.07
C CYS A 220 1.34 -6.05 5.04
N GLY A 221 0.89 -4.90 4.54
CA GLY A 221 0.72 -3.73 5.38
C GLY A 221 1.96 -3.24 6.10
N LEU A 222 3.13 -3.48 5.51
CA LEU A 222 4.39 -3.05 6.10
C LEU A 222 5.15 -2.13 5.15
N PRO A 223 6.05 -1.30 5.69
CA PRO A 223 6.83 -0.39 4.84
C PRO A 223 7.56 -1.29 3.83
N VAL A 224 7.72 -0.83 2.61
CA VAL A 224 8.41 -1.65 1.60
C VAL A 224 9.56 -0.96 0.91
N VAL A 225 10.40 -1.79 0.30
CA VAL A 225 11.54 -1.30 -0.46
C VAL A 225 11.64 -2.22 -1.67
N VAL A 226 12.03 -1.67 -2.82
CA VAL A 226 12.17 -2.45 -4.04
C VAL A 226 13.64 -2.65 -4.33
N SER A 227 13.98 -3.82 -4.86
CA SER A 227 15.36 -4.07 -5.21
C SER A 227 15.35 -4.95 -6.45
N SER A 228 16.48 -5.01 -7.14
CA SER A 228 16.58 -5.79 -8.37
C SER A 228 17.11 -7.19 -8.16
N ALA A 229 17.15 -7.92 -9.26
CA ALA A 229 17.68 -9.27 -9.31
C ALA A 229 18.86 -9.16 -10.28
N VAL A 230 19.51 -8.00 -10.25
CA VAL A 230 20.67 -7.71 -11.11
C VAL A 230 20.38 -7.92 -12.60
N GLU A 231 19.30 -7.30 -13.07
CA GLU A 231 18.90 -7.40 -14.47
C GLU A 231 19.57 -6.36 -15.35
N THR A 232 19.34 -6.46 -16.65
CA THR A 232 19.85 -5.47 -17.59
C THR A 232 18.88 -4.30 -17.40
N SER A 233 19.05 -3.22 -18.16
CA SER A 233 18.13 -2.08 -18.03
C SER A 233 16.69 -2.48 -18.31
N VAL A 234 16.50 -3.56 -19.07
CA VAL A 234 15.14 -4.00 -19.39
C VAL A 234 14.44 -4.46 -18.12
N GLY A 235 15.12 -5.31 -17.37
CA GLY A 235 14.55 -5.83 -16.12
C GLY A 235 14.49 -4.74 -15.08
N LEU A 236 15.51 -3.89 -15.03
CA LEU A 236 15.54 -2.81 -14.07
C LEU A 236 14.39 -1.82 -14.27
N ALA A 237 13.97 -1.63 -15.52
CA ALA A 237 12.87 -0.71 -15.80
C ALA A 237 11.59 -1.16 -15.10
N ALA A 238 11.40 -2.48 -14.99
CA ALA A 238 10.20 -3.02 -14.31
C ALA A 238 10.31 -2.74 -12.81
N GLY A 239 11.53 -2.87 -12.29
CA GLY A 239 11.75 -2.60 -10.87
C GLY A 239 11.45 -1.14 -10.60
N VAL A 240 11.92 -0.28 -11.50
CA VAL A 240 11.70 1.16 -11.35
C VAL A 240 10.19 1.43 -11.43
N ALA A 241 9.51 0.73 -12.34
CA ALA A 241 8.08 0.90 -12.51
C ALA A 241 7.33 0.54 -11.22
N LEU A 242 7.77 -0.52 -10.55
CA LEU A 242 7.15 -0.92 -9.28
C LEU A 242 7.39 0.15 -8.22
N ALA A 243 8.65 0.57 -8.08
CA ALA A 243 8.98 1.60 -7.10
C ALA A 243 8.22 2.91 -7.37
N ALA A 244 7.98 3.21 -8.64
CA ALA A 244 7.28 4.44 -9.01
C ALA A 244 5.77 4.33 -8.86
N ALA A 245 5.27 3.11 -8.71
CA ALA A 245 3.83 2.89 -8.56
C ALA A 245 3.37 2.75 -7.11
N LEU A 246 4.32 2.55 -6.20
CA LEU A 246 4.00 2.40 -4.77
C LEU A 246 3.50 3.71 -4.18
N PRO A 247 2.50 3.65 -3.28
CA PRO A 247 2.00 4.90 -2.69
C PRO A 247 3.09 5.69 -1.97
N GLU A 248 3.98 4.99 -1.27
CA GLU A 248 5.05 5.64 -0.54
C GLU A 248 6.34 4.85 -0.59
N LEU A 249 7.45 5.57 -0.74
CA LEU A 249 8.77 4.95 -0.80
C LEU A 249 9.67 5.49 0.32
N PRO A 250 9.52 4.96 1.53
CA PRO A 250 10.34 5.41 2.66
C PRO A 250 11.83 5.10 2.54
N TYR A 251 12.16 4.11 1.73
CA TYR A 251 13.55 3.68 1.57
C TYR A 251 14.10 3.72 0.16
N ALA A 252 15.38 4.08 0.03
CA ALA A 252 16.05 4.11 -1.26
C ALA A 252 16.01 2.68 -1.78
N CYS A 253 15.78 2.53 -3.08
CA CYS A 253 15.67 1.20 -3.69
C CYS A 253 16.94 0.63 -4.28
N GLY A 254 17.06 -0.70 -4.24
CA GLY A 254 18.24 -1.37 -4.75
C GLY A 254 18.18 -1.58 -6.26
N LEU A 255 18.16 -0.47 -7.00
CA LEU A 255 18.06 -0.53 -8.44
C LEU A 255 19.30 0.06 -9.14
N ALA A 256 20.36 0.28 -8.35
CA ALA A 256 21.61 0.82 -8.88
C ALA A 256 22.57 -0.34 -9.08
N THR A 257 22.07 -1.42 -9.66
CA THR A 257 22.86 -2.62 -9.88
C THR A 257 23.38 -2.78 -11.30
N LEU A 258 23.03 -1.87 -12.19
CA LEU A 258 23.51 -1.98 -13.57
C LEU A 258 25.03 -1.82 -13.56
N ARG A 259 25.55 -1.13 -12.55
CA ARG A 259 26.99 -0.91 -12.42
C ARG A 259 27.74 -2.21 -12.17
N LEU A 260 27.04 -3.23 -11.67
CA LEU A 260 27.64 -4.52 -11.40
C LEU A 260 27.93 -5.30 -12.67
N LEU A 261 27.37 -4.86 -13.78
CA LEU A 261 27.56 -5.52 -15.07
C LEU A 261 28.56 -4.77 -15.93
N HIS A 262 29.35 -5.51 -16.70
CA HIS A 262 30.34 -4.91 -17.58
C HIS A 262 29.71 -4.22 -18.77
N ALA A 263 28.48 -4.59 -19.12
CA ALA A 263 27.79 -3.99 -20.25
C ALA A 263 26.27 -4.08 -20.12
N ASP A 264 25.55 -3.33 -20.95
CA ASP A 264 24.09 -3.33 -20.94
C ASP A 264 23.58 -3.55 -22.36
N VAL A 265 22.26 -3.70 -22.51
CA VAL A 265 21.68 -3.92 -23.83
C VAL A 265 20.94 -2.72 -24.41
N CYS A 266 21.17 -1.54 -23.81
CA CYS A 266 20.52 -0.31 -24.24
C CYS A 266 21.54 0.80 -24.49
N ASP A 267 21.22 1.71 -25.42
CA ASP A 267 22.11 2.82 -25.71
C ASP A 267 22.00 3.88 -24.61
N ASP A 268 20.89 3.87 -23.89
CA ASP A 268 20.68 4.81 -22.81
C ASP A 268 20.36 3.97 -21.57
N PRO A 269 21.40 3.41 -20.94
CA PRO A 269 21.24 2.56 -19.76
C PRO A 269 20.65 3.25 -18.53
N LEU A 270 19.97 2.46 -17.70
CA LEU A 270 19.39 2.99 -16.47
C LEU A 270 20.49 3.08 -15.41
N LEU A 271 21.31 4.11 -15.54
CA LEU A 271 22.40 4.35 -14.60
C LEU A 271 21.98 5.53 -13.75
N PRO A 272 22.05 5.39 -12.41
CA PRO A 272 21.64 6.49 -11.55
C PRO A 272 22.52 7.74 -11.68
N VAL A 273 21.91 8.88 -11.38
CA VAL A 273 22.58 10.17 -11.42
C VAL A 273 22.16 10.86 -10.13
N HIS A 274 23.14 11.15 -9.28
CA HIS A 274 22.84 11.79 -8.00
C HIS A 274 21.94 10.85 -7.20
N GLY A 275 22.21 9.55 -7.31
CA GLY A 275 21.44 8.56 -6.57
C GLY A 275 19.97 8.50 -6.91
N VAL A 276 19.62 8.81 -8.16
CA VAL A 276 18.23 8.79 -8.58
C VAL A 276 18.07 8.24 -9.99
N LEU A 277 17.00 7.47 -10.22
CA LEU A 277 16.72 6.90 -11.53
C LEU A 277 15.42 7.44 -12.10
N PRO A 278 15.40 7.76 -13.40
CA PRO A 278 14.21 8.27 -14.07
C PRO A 278 13.25 7.12 -14.37
N VAL A 279 11.95 7.40 -14.30
CA VAL A 279 10.94 6.40 -14.59
C VAL A 279 10.67 6.46 -16.09
N ARG A 280 11.23 5.50 -16.82
CA ARG A 280 11.07 5.48 -18.27
C ARG A 280 11.29 4.08 -18.83
N ARG A 281 10.68 3.82 -19.97
CA ARG A 281 10.85 2.53 -20.62
C ARG A 281 12.19 2.63 -21.33
N VAL A 282 12.84 1.49 -21.50
CA VAL A 282 14.14 1.46 -22.15
C VAL A 282 14.00 0.88 -23.55
N ASP A 283 14.75 1.43 -24.49
CA ASP A 283 14.73 0.95 -25.85
C ASP A 283 15.98 0.10 -26.06
N VAL A 284 15.78 -1.18 -26.36
CA VAL A 284 16.90 -2.08 -26.57
C VAL A 284 17.66 -1.71 -27.83
N SER A 285 18.98 -1.75 -27.75
CA SER A 285 19.83 -1.42 -28.88
C SER A 285 20.26 -2.69 -29.62
N GLU A 286 19.72 -2.86 -30.81
CA GLU A 286 20.02 -4.02 -31.65
C GLU A 286 21.51 -4.36 -31.61
N GLN A 287 22.33 -3.32 -31.76
CA GLN A 287 23.79 -3.48 -31.77
C GLN A 287 24.39 -3.84 -30.42
N ARG A 288 23.82 -3.32 -29.34
CA ARG A 288 24.34 -3.61 -28.00
C ARG A 288 24.02 -5.05 -27.59
N LEU A 289 22.82 -5.52 -27.95
CA LEU A 289 22.42 -6.88 -27.62
C LEU A 289 23.29 -7.87 -28.39
N ALA A 290 23.40 -7.65 -29.69
CA ALA A 290 24.19 -8.52 -30.56
C ALA A 290 25.57 -8.82 -29.99
N GLU A 291 26.13 -7.87 -29.23
CA GLU A 291 27.46 -8.04 -28.64
C GLU A 291 27.50 -9.00 -27.47
N VAL A 292 26.35 -9.25 -26.85
CA VAL A 292 26.31 -10.17 -25.71
C VAL A 292 25.27 -11.28 -25.90
N GLU A 293 24.73 -11.39 -27.10
CA GLU A 293 23.73 -12.39 -27.41
C GLU A 293 24.36 -13.76 -27.64
N ILE A 294 23.79 -14.79 -27.01
CA ILE A 294 24.29 -16.16 -27.16
C ILE A 294 23.21 -17.00 -27.83
N ASP A 295 23.53 -18.25 -28.13
CA ASP A 295 22.55 -19.13 -28.75
C ASP A 295 21.30 -19.19 -27.89
N PRO A 296 20.13 -18.91 -28.47
CA PRO A 296 18.84 -18.91 -27.76
C PRO A 296 18.11 -20.22 -27.49
N ALA A 297 18.51 -21.30 -28.16
CA ALA A 297 17.84 -22.59 -28.00
C ALA A 297 17.54 -23.02 -26.58
N ALA A 298 18.58 -23.18 -25.77
CA ALA A 298 18.42 -23.63 -24.39
C ALA A 298 17.55 -22.68 -23.58
N TRP A 299 17.81 -21.38 -23.70
CA TRP A 299 17.01 -20.40 -22.96
C TRP A 299 15.57 -20.36 -23.43
N GLN A 300 15.35 -20.54 -24.72
CA GLN A 300 13.99 -20.55 -25.26
C GLN A 300 13.25 -21.74 -24.67
N ALA A 301 13.94 -22.86 -24.53
CA ALA A 301 13.31 -24.07 -23.98
C ALA A 301 12.96 -23.82 -22.51
N ARG A 302 13.83 -23.13 -21.80
CA ARG A 302 13.60 -22.84 -20.39
C ARG A 302 12.42 -21.89 -20.23
N LEU A 303 12.35 -20.89 -21.09
CA LEU A 303 11.25 -19.93 -21.04
C LEU A 303 9.94 -20.67 -21.32
N ALA A 304 9.96 -21.59 -22.27
CA ALA A 304 8.77 -22.35 -22.62
C ALA A 304 8.29 -23.20 -21.44
N ALA A 305 9.23 -23.76 -20.69
CA ALA A 305 8.90 -24.59 -19.54
C ALA A 305 8.28 -23.75 -18.43
N ALA A 306 8.83 -22.56 -18.21
CA ALA A 306 8.32 -21.68 -17.18
C ALA A 306 6.90 -21.21 -17.54
N ARG A 307 6.71 -20.95 -18.82
CA ARG A 307 5.41 -20.51 -19.32
C ARG A 307 4.36 -21.60 -19.06
N ALA A 308 4.70 -22.83 -19.42
CA ALA A 308 3.80 -23.96 -19.22
C ALA A 308 3.42 -24.05 -17.74
N ALA A 309 4.42 -24.02 -16.87
CA ALA A 309 4.20 -24.10 -15.43
C ALA A 309 3.27 -22.98 -14.95
N TRP A 310 3.45 -21.79 -15.52
CA TRP A 310 2.62 -20.65 -15.14
C TRP A 310 1.18 -20.82 -15.61
N GLU A 311 1.02 -21.26 -16.86
CA GLU A 311 -0.31 -21.44 -17.43
C GLU A 311 -1.02 -22.69 -16.94
N GLN A 312 -0.25 -23.68 -16.49
CA GLN A 312 -0.84 -24.92 -16.00
C GLN A 312 -0.86 -24.93 -14.47
N SER B 2 -17.25 -0.92 -19.68
CA SER B 2 -18.25 -1.10 -20.77
C SER B 2 -18.77 0.24 -21.26
N LEU B 3 -19.95 0.21 -21.86
CA LEU B 3 -20.59 1.42 -22.36
C LEU B 3 -21.42 1.98 -21.22
N THR B 4 -21.85 1.08 -20.33
CA THR B 4 -22.66 1.45 -19.17
C THR B 4 -21.84 1.46 -17.89
N GLY B 5 -21.67 0.28 -17.28
CA GLY B 5 -20.90 0.18 -16.05
C GLY B 5 -19.42 0.10 -16.33
N ARG B 6 -18.64 0.98 -15.70
CA ARG B 6 -17.20 1.02 -15.93
C ARG B 6 -16.41 0.92 -14.62
N ALA B 7 -15.40 0.05 -14.62
CA ALA B 7 -14.57 -0.19 -13.45
C ALA B 7 -13.35 0.70 -13.35
N PHE B 8 -12.99 1.07 -12.12
CA PHE B 8 -11.84 1.92 -11.90
C PHE B 8 -10.96 1.33 -10.79
N ALA B 9 -9.70 1.73 -10.79
CA ALA B 9 -8.73 1.30 -9.79
C ALA B 9 -7.92 2.56 -9.54
N ILE B 10 -8.10 3.18 -8.38
CA ILE B 10 -7.40 4.40 -8.05
C ILE B 10 -6.51 4.21 -6.83
N PRO B 11 -5.20 4.43 -7.00
CA PRO B 11 -4.26 4.28 -5.89
C PRO B 11 -4.47 5.32 -4.80
N LEU B 12 -4.26 4.89 -3.55
CA LEU B 12 -4.39 5.80 -2.41
C LEU B 12 -3.03 6.44 -2.17
N ARG B 13 -3.02 7.63 -1.59
CA ARG B 13 -1.77 8.31 -1.30
C ARG B 13 -1.11 7.63 -0.11
N THR B 14 -1.94 7.02 0.73
CA THR B 14 -1.44 6.32 1.91
C THR B 14 -2.38 5.18 2.29
N ARG B 15 -1.82 4.15 2.91
CA ARG B 15 -2.61 2.99 3.31
C ARG B 15 -3.72 3.42 4.29
N PHE B 16 -4.94 2.98 4.03
CA PHE B 16 -6.08 3.31 4.87
C PHE B 16 -7.08 2.15 4.84
N ARG B 17 -7.61 1.79 5.99
CA ARG B 17 -8.55 0.68 6.09
C ARG B 17 -7.96 -0.56 5.41
N GLY B 18 -6.65 -0.76 5.59
CA GLY B 18 -5.99 -1.91 5.02
C GLY B 18 -5.75 -1.99 3.53
N ILE B 19 -6.17 -0.96 2.79
CA ILE B 19 -5.98 -0.97 1.34
C ILE B 19 -5.11 0.17 0.84
N THR B 20 -4.56 -0.03 -0.36
CA THR B 20 -3.69 0.96 -1.00
C THR B 20 -4.23 1.31 -2.39
N VAL B 21 -5.33 0.69 -2.77
CA VAL B 21 -5.96 0.94 -4.06
C VAL B 21 -7.47 0.86 -3.87
N ARG B 22 -8.18 1.84 -4.44
CA ARG B 22 -9.64 1.85 -4.32
C ARG B 22 -10.25 1.42 -5.64
N GLU B 23 -10.93 0.28 -5.62
CA GLU B 23 -11.59 -0.24 -6.81
C GLU B 23 -13.11 -0.15 -6.70
N GLY B 24 -13.78 -0.08 -7.85
CA GLY B 24 -15.22 0.00 -7.84
C GLY B 24 -15.75 0.15 -9.25
N MSE B 25 -17.05 0.40 -9.36
CA MSE B 25 -17.68 0.57 -10.65
C MSE B 25 -18.58 1.79 -10.62
O MSE B 25 -19.20 2.10 -9.60
CB MSE B 25 -18.49 -0.70 -10.97
CG MSE B 25 -19.21 -0.68 -12.30
SE MSE B 25 -19.54 -2.48 -12.90
CE MSE B 25 -17.86 -2.76 -13.82
N LEU B 26 -18.63 2.51 -11.74
CA LEU B 26 -19.47 3.68 -11.88
C LEU B 26 -20.56 3.35 -12.87
N VAL B 27 -21.79 3.73 -12.55
CA VAL B 27 -22.93 3.45 -13.40
C VAL B 27 -23.71 4.74 -13.70
N ARG B 28 -23.97 4.98 -15.00
CA ARG B 28 -24.70 6.16 -15.43
C ARG B 28 -26.16 5.84 -15.70
N GLY B 29 -27.06 6.56 -15.03
CA GLY B 29 -28.48 6.34 -15.22
C GLY B 29 -29.18 7.64 -15.56
N ALA B 30 -30.50 7.63 -15.50
CA ALA B 30 -31.30 8.82 -15.81
C ALA B 30 -31.08 9.96 -14.82
N ALA B 31 -30.76 9.62 -13.58
CA ALA B 31 -30.55 10.63 -12.56
C ALA B 31 -29.12 11.16 -12.51
N GLY B 32 -28.17 10.35 -12.96
CA GLY B 32 -26.79 10.76 -12.95
C GLY B 32 -25.87 9.58 -12.76
N TRP B 33 -24.77 9.78 -12.04
CA TRP B 33 -23.82 8.70 -11.81
C TRP B 33 -23.92 8.12 -10.41
N GLY B 34 -23.74 6.80 -10.33
CA GLY B 34 -23.77 6.11 -9.06
C GLY B 34 -22.50 5.33 -8.93
N GLU B 35 -22.07 5.06 -7.70
CA GLU B 35 -20.86 4.30 -7.48
C GLU B 35 -21.14 3.03 -6.70
N PHE B 36 -20.57 1.94 -7.17
CA PHE B 36 -20.71 0.63 -6.53
C PHE B 36 -19.26 0.22 -6.23
N SER B 37 -18.84 0.40 -4.98
CA SER B 37 -17.46 0.10 -4.62
C SER B 37 -17.26 -0.66 -3.31
N PRO B 38 -18.01 -1.75 -3.11
CA PRO B 38 -17.82 -2.50 -1.87
C PRO B 38 -16.41 -3.06 -1.80
N PHE B 39 -15.85 -3.11 -0.61
CA PHE B 39 -14.51 -3.65 -0.45
C PHE B 39 -14.46 -5.14 -0.84
N ALA B 40 -13.32 -5.57 -1.34
CA ALA B 40 -13.10 -6.92 -1.85
C ALA B 40 -13.68 -8.13 -1.11
N GLU B 41 -13.58 -8.15 0.21
CA GLU B 41 -14.06 -9.30 0.97
C GLU B 41 -15.58 -9.46 1.13
N TYR B 42 -16.36 -8.43 0.80
CA TYR B 42 -17.80 -8.56 0.97
C TYR B 42 -18.50 -9.45 -0.05
N GLY B 43 -19.30 -10.38 0.46
CA GLY B 43 -20.02 -11.29 -0.42
C GLY B 43 -21.21 -10.61 -1.08
N PRO B 44 -21.84 -11.25 -2.08
CA PRO B 44 -22.99 -10.65 -2.76
C PRO B 44 -24.15 -10.24 -1.86
N ARG B 45 -24.38 -10.97 -0.77
CA ARG B 45 -25.48 -10.62 0.12
C ARG B 45 -25.22 -9.29 0.82
N GLU B 46 -23.98 -9.07 1.23
CA GLU B 46 -23.63 -7.80 1.88
C GLU B 46 -23.54 -6.69 0.83
N CYS B 47 -23.11 -7.06 -0.38
CA CYS B 47 -22.96 -6.09 -1.45
C CYS B 47 -24.30 -5.60 -2.01
N ALA B 48 -25.37 -6.34 -1.71
CA ALA B 48 -26.70 -5.98 -2.18
C ALA B 48 -27.08 -4.53 -1.86
N ARG B 49 -26.81 -4.09 -0.63
CA ARG B 49 -27.15 -2.72 -0.24
C ARG B 49 -26.26 -1.71 -0.95
N TRP B 50 -25.01 -2.08 -1.19
CA TRP B 50 -24.10 -1.19 -1.88
C TRP B 50 -24.65 -0.97 -3.28
N TRP B 51 -25.20 -2.03 -3.88
CA TRP B 51 -25.77 -1.90 -5.20
C TRP B 51 -27.02 -1.02 -5.14
N ALA B 52 -27.85 -1.23 -4.12
CA ALA B 52 -29.07 -0.44 -3.96
C ALA B 52 -28.74 1.05 -3.89
N ALA B 53 -27.66 1.39 -3.21
CA ALA B 53 -27.23 2.78 -3.10
C ALA B 53 -26.80 3.32 -4.47
N CYS B 54 -26.01 2.52 -5.19
CA CYS B 54 -25.54 2.89 -6.52
C CYS B 54 -26.73 3.11 -7.44
N TYR B 55 -27.67 2.17 -7.41
CA TYR B 55 -28.88 2.25 -8.22
C TYR B 55 -29.68 3.51 -7.92
N GLU B 56 -29.84 3.84 -6.64
CA GLU B 56 -30.60 5.02 -6.25
C GLU B 56 -29.96 6.27 -6.83
N ALA B 57 -28.64 6.35 -6.72
CA ALA B 57 -27.89 7.51 -7.21
C ALA B 57 -27.94 7.66 -8.72
N ALA B 58 -27.84 6.55 -9.43
CA ALA B 58 -27.82 6.58 -10.89
C ALA B 58 -29.19 6.65 -11.53
N GLU B 59 -30.18 6.02 -10.90
CA GLU B 59 -31.52 5.96 -11.46
C GLU B 59 -32.66 6.74 -10.83
N LEU B 60 -32.66 6.85 -9.50
CA LEU B 60 -33.76 7.53 -8.81
C LEU B 60 -33.53 8.97 -8.39
N GLY B 61 -32.29 9.32 -8.08
CA GLY B 61 -32.02 10.66 -7.62
C GLY B 61 -32.19 10.64 -6.11
N TRP B 62 -31.80 11.72 -5.44
CA TRP B 62 -31.90 11.79 -3.99
C TRP B 62 -32.92 12.82 -3.49
N PRO B 63 -33.36 12.69 -2.23
CA PRO B 63 -34.33 13.63 -1.66
C PRO B 63 -33.72 15.03 -1.72
N ALA B 64 -34.54 16.03 -1.98
CA ALA B 64 -34.05 17.41 -2.06
C ALA B 64 -33.32 17.80 -0.78
N PRO B 65 -32.22 18.54 -0.91
CA PRO B 65 -31.44 18.96 0.26
C PRO B 65 -32.14 20.11 0.99
N VAL B 66 -31.89 20.21 2.28
CA VAL B 66 -32.47 21.29 3.08
C VAL B 66 -31.39 22.29 3.43
N ARG B 67 -30.17 22.03 2.93
CA ARG B 67 -29.02 22.90 3.16
C ARG B 67 -28.15 22.87 1.91
N ASP B 68 -27.43 23.96 1.64
CA ASP B 68 -26.58 24.07 0.45
C ASP B 68 -25.13 23.59 0.59
N THR B 69 -24.65 23.49 1.81
CA THR B 69 -23.29 23.00 2.04
C THR B 69 -23.34 22.12 3.28
N VAL B 70 -22.32 21.28 3.43
CA VAL B 70 -22.23 20.38 4.57
C VAL B 70 -20.85 20.46 5.20
N PRO B 71 -20.79 20.54 6.53
CA PRO B 71 -19.50 20.62 7.23
C PRO B 71 -18.84 19.25 7.27
N VAL B 72 -17.51 19.24 7.16
CA VAL B 72 -16.77 17.99 7.19
C VAL B 72 -15.61 18.00 8.19
N ASN B 73 -15.22 16.81 8.62
CA ASN B 73 -14.10 16.67 9.55
C ASN B 73 -12.91 16.11 8.77
N ALA B 74 -11.71 16.35 9.29
CA ALA B 74 -10.51 15.85 8.66
C ALA B 74 -10.40 14.38 9.04
N THR B 75 -9.92 13.57 8.11
CA THR B 75 -9.74 12.15 8.38
C THR B 75 -8.26 11.88 8.55
N VAL B 76 -7.87 11.41 9.73
CA VAL B 76 -6.48 11.12 10.04
C VAL B 76 -6.17 9.62 10.10
N PRO B 77 -5.45 9.11 9.09
CA PRO B 77 -5.08 7.69 9.04
C PRO B 77 -4.12 7.35 10.18
N ALA B 78 -3.75 6.08 10.29
CA ALA B 78 -2.84 5.64 11.34
C ALA B 78 -1.41 5.98 10.97
N VAL B 79 -1.13 7.28 10.87
CA VAL B 79 0.21 7.74 10.53
C VAL B 79 0.97 8.32 11.72
N GLY B 80 2.24 8.63 11.50
CA GLY B 80 3.06 9.20 12.54
C GLY B 80 2.51 10.52 13.02
N PRO B 81 2.87 10.95 14.24
CA PRO B 81 2.40 12.21 14.81
C PRO B 81 2.71 13.44 13.95
N GLU B 82 3.88 13.43 13.32
CA GLU B 82 4.29 14.55 12.47
C GLU B 82 3.31 14.77 11.31
N GLU B 83 3.07 13.72 10.55
CA GLU B 83 2.18 13.80 9.40
C GLU B 83 0.72 13.99 9.82
N ALA B 84 0.34 13.37 10.94
CA ALA B 84 -1.01 13.47 11.44
C ALA B 84 -1.36 14.95 11.68
N ALA B 85 -0.41 15.67 12.29
CA ALA B 85 -0.60 17.08 12.57
C ALA B 85 -0.72 17.89 11.28
N ARG B 86 0.09 17.55 10.29
CA ARG B 86 0.06 18.26 9.01
C ARG B 86 -1.24 18.09 8.27
N ILE B 87 -1.83 16.90 8.36
CA ILE B 87 -3.10 16.64 7.70
C ILE B 87 -4.17 17.54 8.29
N VAL B 88 -4.17 17.67 9.62
CA VAL B 88 -5.16 18.50 10.30
C VAL B 88 -4.95 19.99 10.06
N ALA B 89 -3.70 20.43 10.20
CA ALA B 89 -3.36 21.84 10.00
C ALA B 89 -3.70 22.33 8.59
N SER B 90 -3.67 21.43 7.61
CA SER B 90 -3.96 21.81 6.23
C SER B 90 -5.35 21.42 5.76
N SER B 91 -6.13 20.83 6.67
CA SER B 91 -7.48 20.36 6.36
C SER B 91 -8.51 21.47 6.22
N GLY B 92 -8.34 22.54 6.97
CA GLY B 92 -9.30 23.63 6.92
C GLY B 92 -10.50 23.26 7.78
N CYS B 93 -10.36 22.17 8.53
CA CYS B 93 -11.43 21.68 9.40
C CYS B 93 -11.08 21.89 10.87
N THR B 94 -12.11 22.09 11.70
CA THR B 94 -11.89 22.27 13.13
C THR B 94 -12.18 20.95 13.86
N THR B 95 -12.67 19.96 13.11
CA THR B 95 -12.96 18.66 13.67
C THR B 95 -12.10 17.61 12.96
N ALA B 96 -11.53 16.70 13.73
CA ALA B 96 -10.71 15.65 13.17
C ALA B 96 -11.01 14.31 13.81
N LYS B 97 -11.08 13.27 12.99
CA LYS B 97 -11.31 11.92 13.48
C LYS B 97 -10.01 11.17 13.29
N VAL B 98 -9.47 10.64 14.38
CA VAL B 98 -8.18 9.94 14.36
C VAL B 98 -8.30 8.42 14.45
N LYS B 99 -7.65 7.72 13.55
CA LYS B 99 -7.67 6.26 13.59
C LYS B 99 -6.77 5.76 14.71
N VAL B 100 -7.29 4.84 15.52
CA VAL B 100 -6.51 4.23 16.59
C VAL B 100 -6.71 2.71 16.52
N ALA B 101 -5.86 1.97 17.23
CA ALA B 101 -5.93 0.52 17.27
C ALA B 101 -5.74 -0.16 15.91
N GLU B 102 -4.89 0.42 15.07
CA GLU B 102 -4.61 -0.15 13.76
C GLU B 102 -3.83 -1.45 14.01
N ARG B 103 -4.23 -2.52 13.33
CA ARG B 103 -3.57 -3.81 13.52
C ARG B 103 -2.07 -3.69 13.33
N GLY B 104 -1.31 -4.12 14.33
CA GLY B 104 0.13 -4.07 14.24
C GLY B 104 0.81 -2.86 14.84
N GLN B 105 0.01 -1.91 15.33
CA GLN B 105 0.57 -0.71 15.94
C GLN B 105 0.43 -0.77 17.46
N SER B 106 1.11 0.14 18.15
CA SER B 106 1.07 0.15 19.61
C SER B 106 0.13 1.21 20.15
N GLU B 107 -0.32 1.02 21.39
CA GLU B 107 -1.21 1.98 22.02
C GLU B 107 -0.44 3.27 22.23
N ALA B 108 0.87 3.15 22.42
CA ALA B 108 1.72 4.33 22.60
C ALA B 108 1.64 5.18 21.32
N ASN B 109 1.53 4.52 20.17
CA ASN B 109 1.44 5.24 18.90
C ASN B 109 0.14 6.00 18.85
N ASP B 110 -0.93 5.37 19.34
CA ASP B 110 -2.23 6.01 19.34
C ASP B 110 -2.23 7.25 20.20
N VAL B 111 -1.60 7.18 21.37
CA VAL B 111 -1.54 8.33 22.25
C VAL B 111 -0.77 9.46 21.57
N ALA B 112 0.36 9.13 20.97
CA ALA B 112 1.20 10.12 20.31
C ALA B 112 0.46 10.78 19.13
N ARG B 113 -0.34 10.00 18.42
CA ARG B 113 -1.08 10.52 17.28
C ARG B 113 -2.19 11.47 17.71
N VAL B 114 -2.99 11.05 18.69
CA VAL B 114 -4.08 11.88 19.16
C VAL B 114 -3.53 13.17 19.74
N GLU B 115 -2.43 13.06 20.49
CA GLU B 115 -1.82 14.23 21.09
C GLU B 115 -1.42 15.23 20.00
N ALA B 116 -0.76 14.75 18.95
CA ALA B 116 -0.31 15.63 17.86
C ALA B 116 -1.48 16.32 17.17
N VAL B 117 -2.59 15.60 17.03
CA VAL B 117 -3.78 16.17 16.39
C VAL B 117 -4.37 17.26 17.27
N ARG B 118 -4.52 16.98 18.56
CA ARG B 118 -5.05 17.96 19.49
C ARG B 118 -4.19 19.22 19.41
N ASP B 119 -2.87 19.03 19.43
CA ASP B 119 -1.96 20.15 19.35
C ASP B 119 -2.15 20.96 18.07
N ALA B 120 -2.42 20.27 16.97
CA ALA B 120 -2.62 20.93 15.68
C ALA B 120 -3.90 21.76 15.62
N LEU B 121 -4.98 21.21 16.17
CA LEU B 121 -6.27 21.90 16.19
C LEU B 121 -6.35 22.99 17.25
N GLY B 122 -5.48 22.89 18.25
CA GLY B 122 -5.51 23.87 19.31
C GLY B 122 -6.61 23.47 20.28
N PRO B 123 -6.93 24.32 21.27
CA PRO B 123 -7.96 24.09 22.28
C PRO B 123 -9.42 24.00 21.79
N ARG B 124 -9.79 24.84 20.84
CA ARG B 124 -11.15 24.87 20.31
C ARG B 124 -11.53 23.74 19.35
N GLY B 125 -10.56 22.91 18.98
CA GLY B 125 -10.85 21.82 18.06
C GLY B 125 -11.64 20.67 18.65
N ARG B 126 -12.22 19.85 17.78
CA ARG B 126 -13.00 18.69 18.21
C ARG B 126 -12.24 17.46 17.74
N VAL B 127 -11.97 16.54 18.67
CA VAL B 127 -11.23 15.35 18.32
C VAL B 127 -11.98 14.05 18.63
N ARG B 128 -12.17 13.24 17.60
CA ARG B 128 -12.84 11.95 17.73
C ARG B 128 -11.81 10.87 17.41
N ILE B 129 -12.09 9.65 17.86
CA ILE B 129 -11.19 8.54 17.54
C ILE B 129 -12.06 7.40 17.02
N ASP B 130 -11.52 6.62 16.09
CA ASP B 130 -12.25 5.49 15.55
C ASP B 130 -11.40 4.25 15.81
N VAL B 131 -11.97 3.31 16.55
CA VAL B 131 -11.28 2.08 16.92
C VAL B 131 -11.65 0.92 16.00
N ASN B 132 -12.74 1.08 15.27
CA ASN B 132 -13.22 0.01 14.38
C ASN B 132 -13.39 -1.30 15.15
N GLY B 133 -13.93 -1.19 16.36
CA GLY B 133 -14.19 -2.34 17.20
C GLY B 133 -13.02 -3.22 17.62
N ALA B 134 -11.81 -2.68 17.51
CA ALA B 134 -10.60 -3.43 17.84
C ALA B 134 -10.38 -3.75 19.32
N TRP B 135 -10.97 -2.99 20.22
CA TRP B 135 -10.75 -3.24 21.65
C TRP B 135 -11.84 -4.03 22.37
N ASP B 136 -11.44 -4.72 23.43
CA ASP B 136 -12.39 -5.45 24.26
C ASP B 136 -12.88 -4.38 25.23
N VAL B 137 -13.84 -4.71 26.08
CA VAL B 137 -14.38 -3.73 27.01
C VAL B 137 -13.38 -3.07 27.98
N ASP B 138 -12.63 -3.86 28.72
CA ASP B 138 -11.67 -3.29 29.66
C ASP B 138 -10.62 -2.40 28.99
N THR B 139 -10.06 -2.86 27.88
CA THR B 139 -9.05 -2.07 27.17
C THR B 139 -9.65 -0.76 26.68
N ALA B 140 -10.87 -0.82 26.14
CA ALA B 140 -11.52 0.39 25.66
C ALA B 140 -11.74 1.39 26.80
N VAL B 141 -12.22 0.90 27.93
CA VAL B 141 -12.46 1.77 29.08
C VAL B 141 -11.20 2.52 29.50
N ARG B 142 -10.08 1.83 29.64
CA ARG B 142 -8.87 2.52 30.06
C ARG B 142 -8.24 3.37 28.97
N MSE B 143 -8.30 2.92 27.72
CA MSE B 143 -7.74 3.72 26.62
C MSE B 143 -8.54 4.99 26.43
O MSE B 143 -7.97 6.06 26.19
CB MSE B 143 -7.71 2.90 25.33
CG MSE B 143 -6.63 1.83 25.27
SE MSE B 143 -4.84 2.58 25.43
CE MSE B 143 -4.67 2.46 27.35
N ILE B 144 -9.86 4.90 26.56
CA ILE B 144 -10.72 6.07 26.41
C ILE B 144 -10.40 7.08 27.52
N ARG B 145 -10.10 6.57 28.71
CA ARG B 145 -9.77 7.45 29.81
C ARG B 145 -8.42 8.12 29.58
N LEU B 146 -7.43 7.34 29.17
CA LEU B 146 -6.11 7.90 28.91
C LEU B 146 -6.13 8.93 27.79
N LEU B 147 -6.77 8.55 26.68
CA LEU B 147 -6.86 9.45 25.53
C LEU B 147 -7.75 10.66 25.77
N ASP B 148 -8.63 10.58 26.76
CA ASP B 148 -9.53 11.70 27.02
C ASP B 148 -8.82 12.88 27.69
N ARG B 149 -7.52 12.77 27.92
CA ARG B 149 -6.83 13.90 28.52
C ARG B 149 -6.65 14.91 27.39
N PHE B 150 -7.05 14.49 26.19
CA PHE B 150 -6.96 15.35 25.01
C PHE B 150 -8.35 15.85 24.60
N GLU B 151 -9.32 15.65 25.49
CA GLU B 151 -10.70 16.11 25.26
C GLU B 151 -11.34 15.51 24.00
N LEU B 152 -11.92 14.32 24.13
CA LEU B 152 -12.56 13.65 22.99
C LEU B 152 -14.02 14.06 22.79
N GLU B 153 -14.43 14.23 21.53
CA GLU B 153 -15.80 14.58 21.23
C GLU B 153 -16.64 13.31 21.37
N TYR B 154 -16.13 12.22 20.80
CA TYR B 154 -16.75 10.91 20.92
C TYR B 154 -15.82 9.82 20.44
N VAL B 155 -16.13 8.59 20.84
CA VAL B 155 -15.32 7.43 20.48
C VAL B 155 -16.17 6.54 19.57
N GLU B 156 -15.69 6.35 18.35
CA GLU B 156 -16.43 5.55 17.37
C GLU B 156 -16.09 4.07 17.42
N GLN B 157 -17.14 3.27 17.63
CA GLN B 157 -17.06 1.81 17.71
C GLN B 157 -15.85 1.31 18.51
N PRO B 158 -15.83 1.55 19.82
CA PRO B 158 -14.69 1.09 20.61
C PRO B 158 -14.52 -0.43 20.63
N CYS B 159 -15.64 -1.14 20.59
CA CYS B 159 -15.62 -2.60 20.62
C CYS B 159 -16.40 -3.21 19.45
N ALA B 160 -16.27 -4.52 19.27
CA ALA B 160 -16.92 -5.21 18.16
C ALA B 160 -18.44 -5.42 18.21
N THR B 161 -18.99 -5.65 19.40
CA THR B 161 -20.43 -5.88 19.50
C THR B 161 -21.21 -4.82 20.27
N VAL B 162 -22.52 -4.80 20.07
CA VAL B 162 -23.39 -3.84 20.74
C VAL B 162 -23.35 -4.01 22.25
N ASP B 163 -23.39 -5.25 22.74
CA ASP B 163 -23.35 -5.48 24.18
C ASP B 163 -22.11 -4.84 24.79
N GLU B 164 -20.99 -4.91 24.07
CA GLU B 164 -19.75 -4.32 24.55
C GLU B 164 -19.80 -2.79 24.57
N LEU B 165 -20.37 -2.19 23.53
CA LEU B 165 -20.48 -0.74 23.46
C LEU B 165 -21.32 -0.26 24.64
N ALA B 166 -22.39 -0.99 24.93
CA ALA B 166 -23.28 -0.63 26.02
C ALA B 166 -22.56 -0.66 27.37
N GLU B 167 -21.67 -1.62 27.58
CA GLU B 167 -20.96 -1.69 28.85
C GLU B 167 -19.92 -0.58 28.96
N VAL B 168 -19.26 -0.26 27.85
CA VAL B 168 -18.27 0.81 27.84
C VAL B 168 -18.97 2.14 28.11
N ARG B 169 -20.11 2.33 27.47
CA ARG B 169 -20.90 3.54 27.62
C ARG B 169 -21.29 3.78 29.07
N ARG B 170 -21.54 2.71 29.81
CA ARG B 170 -21.92 2.82 31.21
C ARG B 170 -20.74 3.16 32.11
N ARG B 171 -19.52 2.95 31.62
CA ARG B 171 -18.35 3.21 32.44
C ARG B 171 -17.51 4.42 32.06
N VAL B 172 -17.79 5.05 30.93
CA VAL B 172 -17.02 6.23 30.53
C VAL B 172 -17.92 7.44 30.33
N SER B 173 -17.33 8.62 30.43
CA SER B 173 -18.06 9.89 30.29
C SER B 173 -18.05 10.40 28.85
N VAL B 174 -17.16 9.84 28.03
CA VAL B 174 -17.04 10.24 26.63
C VAL B 174 -18.14 9.61 25.78
N PRO B 175 -18.86 10.42 24.98
CA PRO B 175 -19.93 9.87 24.14
C PRO B 175 -19.40 8.77 23.23
N ILE B 176 -20.24 7.77 22.96
CA ILE B 176 -19.88 6.64 22.12
C ILE B 176 -20.70 6.69 20.83
N ALA B 177 -20.04 6.42 19.70
CA ALA B 177 -20.73 6.42 18.41
C ALA B 177 -20.70 5.00 17.85
N ALA B 178 -21.80 4.58 17.24
CA ALA B 178 -21.87 3.25 16.64
C ALA B 178 -21.74 3.35 15.13
N ASP B 179 -20.86 2.54 14.55
CA ASP B 179 -20.65 2.52 13.11
C ASP B 179 -20.83 1.12 12.56
N GLU B 180 -19.86 0.22 12.72
CA GLU B 180 -20.07 -1.12 12.19
C GLU B 180 -21.27 -1.80 12.87
N SER B 181 -21.60 -1.37 14.08
CA SER B 181 -22.76 -1.96 14.76
C SER B 181 -24.07 -1.51 14.10
N ILE B 182 -23.96 -0.51 13.22
CA ILE B 182 -25.10 0.01 12.49
C ILE B 182 -25.13 -0.54 11.06
N ARG B 183 -23.99 -0.47 10.36
CA ARG B 183 -23.91 -0.91 8.97
C ARG B 183 -23.63 -2.39 8.71
N ARG B 184 -23.05 -3.10 9.69
CA ARG B 184 -22.77 -4.52 9.48
C ARG B 184 -23.37 -5.35 10.60
N ALA B 185 -24.67 -5.17 10.83
CA ALA B 185 -25.36 -5.89 11.88
C ALA B 185 -26.70 -6.44 11.40
N GLU B 186 -27.13 -7.55 12.01
CA GLU B 186 -28.38 -8.19 11.66
C GLU B 186 -29.52 -7.23 12.00
N ASP B 187 -29.43 -6.61 13.16
CA ASP B 187 -30.44 -5.65 13.59
C ASP B 187 -29.78 -4.36 14.05
N PRO B 188 -29.74 -3.35 13.17
CA PRO B 188 -29.12 -2.05 13.48
C PRO B 188 -29.78 -1.37 14.68
N LEU B 189 -31.08 -1.60 14.86
CA LEU B 189 -31.83 -0.98 15.95
C LEU B 189 -31.46 -1.49 17.33
N ARG B 190 -30.66 -2.55 17.41
CA ARG B 190 -30.25 -3.07 18.71
C ARG B 190 -29.41 -2.01 19.41
N VAL B 191 -28.79 -1.14 18.62
CA VAL B 191 -27.96 -0.05 19.15
C VAL B 191 -28.86 0.88 19.97
N ARG B 192 -30.04 1.15 19.44
CA ARG B 192 -31.01 2.01 20.10
C ARG B 192 -31.61 1.29 21.32
N ASP B 193 -32.16 0.11 21.06
CA ASP B 193 -32.79 -0.71 22.09
C ASP B 193 -31.88 -0.99 23.28
N ALA B 194 -30.60 -1.26 23.02
CA ALA B 194 -29.66 -1.53 24.10
C ALA B 194 -28.99 -0.27 24.62
N GLU B 195 -29.36 0.88 24.04
CA GLU B 195 -28.77 2.17 24.43
C GLU B 195 -27.26 2.03 24.49
N ALA B 196 -26.67 1.56 23.39
CA ALA B 196 -25.23 1.33 23.33
C ALA B 196 -24.46 2.48 22.69
N ALA B 197 -25.14 3.55 22.31
CA ALA B 197 -24.46 4.67 21.68
C ALA B 197 -25.19 6.00 21.81
N ASP B 198 -24.41 7.08 21.73
CA ASP B 198 -24.91 8.44 21.83
C ASP B 198 -25.05 9.02 20.43
N VAL B 199 -24.31 8.44 19.48
CA VAL B 199 -24.33 8.91 18.11
C VAL B 199 -24.35 7.72 17.16
N VAL B 200 -25.12 7.87 16.08
CA VAL B 200 -25.23 6.83 15.07
C VAL B 200 -24.56 7.32 13.80
N VAL B 201 -23.62 6.52 13.28
CA VAL B 201 -22.90 6.86 12.06
C VAL B 201 -23.59 6.24 10.86
N LEU B 202 -23.77 7.03 9.81
CA LEU B 202 -24.43 6.59 8.59
C LEU B 202 -23.51 6.70 7.37
N LYS B 203 -23.38 5.59 6.64
CA LYS B 203 -22.58 5.56 5.42
C LYS B 203 -23.57 5.10 4.35
N VAL B 204 -23.69 5.89 3.28
CA VAL B 204 -24.65 5.63 2.23
C VAL B 204 -24.65 4.25 1.55
N GLN B 205 -23.52 3.83 1.00
CA GLN B 205 -23.49 2.54 0.32
C GLN B 205 -23.81 1.36 1.23
N PRO B 206 -23.14 1.26 2.39
CA PRO B 206 -23.42 0.13 3.28
C PRO B 206 -24.89 0.07 3.73
N LEU B 207 -25.53 1.22 3.84
CA LEU B 207 -26.92 1.27 4.29
C LEU B 207 -27.98 1.15 3.20
N GLY B 208 -27.55 1.12 1.95
CA GLY B 208 -28.50 0.97 0.86
C GLY B 208 -29.05 2.25 0.26
N GLY B 209 -28.33 3.36 0.43
CA GLY B 209 -28.80 4.59 -0.16
C GLY B 209 -29.21 5.68 0.80
N VAL B 210 -29.46 6.86 0.25
CA VAL B 210 -29.84 8.03 1.05
C VAL B 210 -31.21 7.86 1.72
N ARG B 211 -32.20 7.42 0.96
CA ARG B 211 -33.53 7.24 1.54
C ARG B 211 -33.50 6.20 2.65
N ALA B 212 -32.79 5.10 2.43
CA ALA B 212 -32.68 4.05 3.44
C ALA B 212 -31.98 4.59 4.70
N ALA B 213 -30.93 5.37 4.50
CA ALA B 213 -30.21 5.94 5.63
C ALA B 213 -31.08 6.93 6.42
N LEU B 214 -31.87 7.74 5.70
CA LEU B 214 -32.75 8.71 6.36
C LEU B 214 -33.80 7.96 7.19
N ARG B 215 -34.28 6.84 6.66
CA ARG B 215 -35.28 6.04 7.36
C ARG B 215 -34.69 5.47 8.65
N LEU B 216 -33.46 4.99 8.57
CA LEU B 216 -32.81 4.42 9.75
C LEU B 216 -32.52 5.53 10.76
N ALA B 217 -32.14 6.70 10.27
CA ALA B 217 -31.85 7.83 11.13
C ALA B 217 -33.07 8.15 12.00
N GLU B 218 -34.25 8.16 11.37
CA GLU B 218 -35.48 8.46 12.09
C GLU B 218 -35.83 7.38 13.13
N GLU B 219 -35.71 6.11 12.73
CA GLU B 219 -36.03 5.02 13.63
C GLU B 219 -35.10 4.94 14.85
N CYS B 220 -33.80 5.12 14.62
CA CYS B 220 -32.84 5.04 15.72
C CYS B 220 -33.07 6.08 16.81
N GLY B 221 -33.70 7.19 16.44
CA GLY B 221 -33.98 8.24 17.39
C GLY B 221 -32.78 8.81 18.12
N LEU B 222 -31.61 8.73 17.49
CA LEU B 222 -30.38 9.24 18.08
C LEU B 222 -29.71 10.24 17.15
N PRO B 223 -28.85 11.12 17.70
CA PRO B 223 -28.14 12.11 16.89
C PRO B 223 -27.33 11.33 15.87
N VAL B 224 -27.16 11.89 14.67
CA VAL B 224 -26.42 11.17 13.65
C VAL B 224 -25.31 11.97 12.99
N VAL B 225 -24.40 11.24 12.35
CA VAL B 225 -23.29 11.84 11.62
C VAL B 225 -23.15 11.01 10.35
N VAL B 226 -22.74 11.63 9.25
CA VAL B 226 -22.56 10.92 7.98
C VAL B 226 -21.07 10.83 7.68
N SER B 227 -20.63 9.72 7.10
CA SER B 227 -19.23 9.57 6.73
C SER B 227 -19.13 8.71 5.47
N SER B 228 -17.99 8.76 4.80
CA SER B 228 -17.82 8.01 3.56
C SER B 228 -17.22 6.61 3.67
N ALA B 229 -17.16 5.96 2.53
CA ALA B 229 -16.55 4.63 2.39
C ALA B 229 -15.36 4.87 1.45
N VAL B 230 -14.76 6.06 1.57
CA VAL B 230 -13.62 6.42 0.74
C VAL B 230 -13.92 6.28 -0.75
N GLU B 231 -15.02 6.88 -1.19
CA GLU B 231 -15.42 6.81 -2.59
C GLU B 231 -14.80 7.92 -3.43
N THR B 232 -15.04 7.84 -4.74
CA THR B 232 -14.57 8.87 -5.65
C THR B 232 -15.61 9.97 -5.44
N SER B 233 -15.52 11.07 -6.18
CA SER B 233 -16.51 12.14 -6.03
C SER B 233 -17.93 11.64 -6.30
N VAL B 234 -18.05 10.62 -7.14
CA VAL B 234 -19.39 10.10 -7.45
C VAL B 234 -20.05 9.54 -6.20
N GLY B 235 -19.31 8.72 -5.47
CA GLY B 235 -19.85 8.13 -4.26
C GLY B 235 -20.00 9.17 -3.16
N LEU B 236 -19.04 10.09 -3.07
CA LEU B 236 -19.10 11.12 -2.05
C LEU B 236 -20.29 12.05 -2.25
N ALA B 237 -20.69 12.27 -3.51
CA ALA B 237 -21.85 13.12 -3.79
C ALA B 237 -23.08 12.57 -3.09
N ALA B 238 -23.18 11.24 -3.02
CA ALA B 238 -24.32 10.60 -2.37
C ALA B 238 -24.25 10.83 -0.87
N GLY B 239 -23.04 10.79 -0.32
CA GLY B 239 -22.85 11.03 1.10
C GLY B 239 -23.23 12.46 1.43
N VAL B 240 -22.82 13.39 0.57
CA VAL B 240 -23.15 14.80 0.76
C VAL B 240 -24.67 14.96 0.67
N ALA B 241 -25.30 14.23 -0.26
CA ALA B 241 -26.75 14.29 -0.43
C ALA B 241 -27.48 13.85 0.84
N LEU B 242 -26.99 12.81 1.49
CA LEU B 242 -27.61 12.33 2.72
C LEU B 242 -27.45 13.38 3.80
N ALA B 243 -26.23 13.89 3.96
CA ALA B 243 -25.98 14.91 4.97
C ALA B 243 -26.86 16.14 4.76
N ALA B 244 -27.06 16.50 3.51
CA ALA B 244 -27.85 17.67 3.16
C ALA B 244 -29.36 17.50 3.34
N ALA B 245 -29.82 16.25 3.44
CA ALA B 245 -31.25 16.01 3.59
C ALA B 245 -31.66 15.72 5.03
N LEU B 246 -30.67 15.56 5.92
CA LEU B 246 -30.95 15.28 7.32
C LEU B 246 -31.52 16.51 8.02
N PRO B 247 -32.39 16.30 9.02
CA PRO B 247 -33.00 17.41 9.75
C PRO B 247 -31.94 18.40 10.24
N GLU B 248 -30.91 17.89 10.88
CA GLU B 248 -29.84 18.75 11.38
C GLU B 248 -28.54 17.96 11.48
N LEU B 249 -27.42 18.67 11.42
CA LEU B 249 -26.10 18.04 11.49
C LEU B 249 -25.31 18.60 12.67
N PRO B 250 -25.51 18.02 13.86
CA PRO B 250 -24.77 18.51 15.03
C PRO B 250 -23.28 18.18 14.92
N TYR B 251 -22.95 17.20 14.10
CA TYR B 251 -21.56 16.78 13.93
C TYR B 251 -21.03 16.91 12.51
N ALA B 252 -19.80 17.40 12.39
CA ALA B 252 -19.18 17.52 11.07
C ALA B 252 -19.11 16.12 10.49
N CYS B 253 -19.24 16.02 9.17
CA CYS B 253 -19.25 14.72 8.48
C CYS B 253 -17.94 14.24 7.88
N GLY B 254 -17.75 12.92 7.91
CA GLY B 254 -16.52 12.32 7.38
C GLY B 254 -16.54 12.17 5.87
N LEU B 255 -16.69 13.28 5.17
CA LEU B 255 -16.74 13.28 3.71
C LEU B 255 -15.53 13.96 3.07
N ALA B 256 -14.49 14.20 3.86
CA ALA B 256 -13.26 14.83 3.36
C ALA B 256 -12.22 13.74 3.14
N THR B 257 -12.63 12.69 2.44
CA THR B 257 -11.75 11.57 2.18
C THR B 257 -11.20 11.50 0.75
N LEU B 258 -11.67 12.37 -0.14
CA LEU B 258 -11.16 12.32 -1.52
C LEU B 258 -9.65 12.55 -1.54
N ARG B 259 -9.14 13.29 -0.57
CA ARG B 259 -7.70 13.56 -0.51
C ARG B 259 -6.88 12.30 -0.31
N LEU B 260 -7.50 11.23 0.18
CA LEU B 260 -6.79 9.97 0.39
C LEU B 260 -6.53 9.25 -0.93
N LEU B 261 -7.24 9.66 -1.97
CA LEU B 261 -7.07 9.08 -3.30
C LEU B 261 -6.04 9.89 -4.09
N HIS B 262 -5.28 9.21 -4.94
CA HIS B 262 -4.26 9.86 -5.75
C HIS B 262 -4.87 10.64 -6.91
N ALA B 263 -6.07 10.27 -7.31
CA ALA B 263 -6.76 10.94 -8.41
C ALA B 263 -8.26 10.74 -8.28
N ASP B 264 -9.03 11.52 -9.04
CA ASP B 264 -10.49 11.42 -9.01
C ASP B 264 -11.00 11.29 -10.44
N VAL B 265 -12.29 11.01 -10.60
CA VAL B 265 -12.86 10.85 -11.94
C VAL B 265 -13.61 12.08 -12.45
N CYS B 266 -13.46 13.20 -11.76
CA CYS B 266 -14.13 14.45 -12.14
C CYS B 266 -13.13 15.60 -12.26
N ASP B 267 -13.41 16.53 -13.17
CA ASP B 267 -12.51 17.68 -13.36
C ASP B 267 -12.68 18.66 -12.20
N ASP B 268 -13.84 18.61 -11.56
CA ASP B 268 -14.13 19.47 -10.41
C ASP B 268 -14.41 18.55 -9.23
N PRO B 269 -13.35 17.96 -8.65
CA PRO B 269 -13.47 17.05 -7.52
C PRO B 269 -14.12 17.62 -6.26
N LEU B 270 -14.78 16.74 -5.49
CA LEU B 270 -15.41 17.17 -4.25
C LEU B 270 -14.38 17.25 -3.12
N LEU B 271 -13.62 18.35 -3.12
CA LEU B 271 -12.60 18.60 -2.11
C LEU B 271 -13.12 19.74 -1.23
N PRO B 272 -13.04 19.58 0.09
CA PRO B 272 -13.54 20.64 0.98
C PRO B 272 -12.72 21.91 0.88
N VAL B 273 -13.38 23.02 1.18
CA VAL B 273 -12.75 24.33 1.21
C VAL B 273 -13.32 24.99 2.46
N HIS B 274 -12.43 25.35 3.38
CA HIS B 274 -12.86 25.97 4.63
C HIS B 274 -13.78 25.03 5.42
N GLY B 275 -13.47 23.74 5.40
CA GLY B 275 -14.24 22.76 6.15
C GLY B 275 -15.65 22.44 5.72
N VAL B 276 -16.00 22.73 4.47
CA VAL B 276 -17.34 22.41 3.98
C VAL B 276 -17.29 21.93 2.54
N LEU B 277 -18.31 21.17 2.17
CA LEU B 277 -18.45 20.66 0.82
C LEU B 277 -19.76 21.20 0.26
N PRO B 278 -19.76 21.54 -1.02
CA PRO B 278 -20.99 22.07 -1.62
C PRO B 278 -21.90 20.91 -1.99
N VAL B 279 -23.21 21.11 -1.91
CA VAL B 279 -24.18 20.08 -2.26
C VAL B 279 -24.46 20.25 -3.76
N ARG B 280 -23.87 19.38 -4.57
CA ARG B 280 -24.03 19.46 -6.01
C ARG B 280 -23.77 18.13 -6.68
N ARG B 281 -24.35 17.96 -7.86
CA ARG B 281 -24.16 16.74 -8.63
C ARG B 281 -22.73 16.84 -9.19
N VAL B 282 -22.06 15.72 -9.39
CA VAL B 282 -20.71 15.76 -9.94
C VAL B 282 -20.73 15.23 -11.38
N ASP B 283 -19.90 15.82 -12.23
CA ASP B 283 -19.82 15.40 -13.63
C ASP B 283 -18.55 14.61 -13.86
N VAL B 284 -18.70 13.36 -14.26
CA VAL B 284 -17.56 12.50 -14.52
C VAL B 284 -16.85 12.90 -15.81
N SER B 285 -15.53 12.90 -15.77
CA SER B 285 -14.72 13.24 -16.94
C SER B 285 -14.30 11.97 -17.66
N GLU B 286 -14.66 11.87 -18.93
CA GLU B 286 -14.31 10.71 -19.74
C GLU B 286 -12.80 10.47 -19.71
N GLN B 287 -12.04 11.55 -19.75
CA GLN B 287 -10.58 11.49 -19.73
C GLN B 287 -10.05 11.00 -18.38
N ARG B 288 -10.52 11.63 -17.30
CA ARG B 288 -10.07 11.28 -15.96
C ARG B 288 -10.43 9.82 -15.65
N LEU B 289 -11.61 9.39 -16.07
CA LEU B 289 -12.03 8.01 -15.83
C LEU B 289 -11.17 7.02 -16.60
N ALA B 290 -10.92 7.32 -17.87
CA ALA B 290 -10.12 6.45 -18.73
C ALA B 290 -8.74 6.20 -18.13
N GLU B 291 -8.18 7.22 -17.47
CA GLU B 291 -6.85 7.10 -16.88
C GLU B 291 -6.75 6.08 -15.75
N VAL B 292 -7.88 5.78 -15.10
CA VAL B 292 -7.87 4.82 -14.00
C VAL B 292 -8.84 3.66 -14.23
N GLU B 293 -9.35 3.57 -15.45
CA GLU B 293 -10.30 2.51 -15.80
C GLU B 293 -9.57 1.19 -15.99
N ILE B 294 -10.27 0.09 -15.69
CA ILE B 294 -9.71 -1.24 -15.82
C ILE B 294 -10.75 -2.15 -16.47
N ASP B 295 -10.32 -3.35 -16.86
CA ASP B 295 -11.21 -4.33 -17.48
C ASP B 295 -12.35 -4.52 -16.48
N PRO B 296 -13.60 -4.25 -16.91
CA PRO B 296 -14.78 -4.39 -16.03
C PRO B 296 -15.37 -5.80 -15.90
N ALA B 297 -14.82 -6.77 -16.60
CA ALA B 297 -15.34 -8.14 -16.54
C ALA B 297 -15.63 -8.66 -15.13
N ALA B 298 -14.61 -8.67 -14.29
CA ALA B 298 -14.76 -9.16 -12.92
C ALA B 298 -15.77 -8.33 -12.12
N TRP B 299 -15.68 -7.01 -12.24
CA TRP B 299 -16.59 -6.14 -11.50
C TRP B 299 -18.03 -6.20 -11.97
N GLN B 300 -18.25 -6.35 -13.27
CA GLN B 300 -19.60 -6.44 -13.80
C GLN B 300 -20.26 -7.70 -13.27
N ALA B 301 -19.48 -8.78 -13.19
CA ALA B 301 -20.00 -10.05 -12.69
C ALA B 301 -20.39 -9.90 -11.23
N ARG B 302 -19.55 -9.16 -10.49
CA ARG B 302 -19.80 -8.93 -9.07
C ARG B 302 -21.03 -8.04 -8.84
N LEU B 303 -21.21 -7.05 -9.70
CA LEU B 303 -22.35 -6.15 -9.57
C LEU B 303 -23.64 -6.91 -9.87
N ALA B 304 -23.61 -7.78 -10.87
CA ALA B 304 -24.79 -8.56 -11.23
C ALA B 304 -25.21 -9.48 -10.08
N ALA B 305 -24.22 -10.01 -9.35
CA ALA B 305 -24.52 -10.91 -8.23
C ALA B 305 -25.12 -10.12 -7.07
N ALA B 306 -24.59 -8.94 -6.82
CA ALA B 306 -25.09 -8.08 -5.75
C ALA B 306 -26.50 -7.63 -6.08
N ARG B 307 -26.73 -7.29 -7.34
CA ARG B 307 -28.04 -6.84 -7.79
C ARG B 307 -29.06 -7.97 -7.69
N ALA B 308 -28.65 -9.17 -8.06
CA ALA B 308 -29.53 -10.33 -8.00
C ALA B 308 -29.91 -10.60 -6.56
N ALA B 309 -28.93 -10.47 -5.66
CA ALA B 309 -29.17 -10.71 -4.23
C ALA B 309 -30.12 -9.65 -3.67
N TRP B 310 -30.01 -8.43 -4.16
CA TRP B 310 -30.88 -7.35 -3.68
C TRP B 310 -32.33 -7.52 -4.13
N GLU B 311 -32.52 -7.88 -5.39
CA GLU B 311 -33.86 -8.03 -5.94
C GLU B 311 -34.65 -9.23 -5.42
N GLN B 312 -33.97 -10.14 -4.74
CA GLN B 312 -34.66 -11.31 -4.21
C GLN B 312 -34.66 -11.34 -2.69
MG MG C . 18.22 -9.38 -0.05
O1 OSB D . 19.53 -10.36 -1.42
O2 OSB D . 18.72 -8.42 -2.08
C7 OSB D . 19.27 -9.46 -2.37
C6 OSB D . 20.53 -9.09 -6.02
C5 OSB D . 20.35 -10.41 -6.47
C4 OSB D . 19.85 -11.40 -5.60
C3 OSB D . 19.50 -11.09 -4.27
C2 OSB D . 19.66 -9.76 -3.79
C1 OSB D . 20.20 -8.74 -4.68
C8 OSB D . 20.39 -7.33 -4.23
C9 OSB D . 19.71 -6.18 -4.97
O3 OSB D . 21.09 -7.11 -3.25
C10 OSB D . 20.56 -4.89 -4.88
C11 OSB D . 20.29 -4.13 -3.59
O4 OSB D . 19.31 -4.39 -2.90
O5 OSB D . 21.15 -3.18 -3.19
MG MG E . -16.16 4.18 11.69
O1 OSB F . -14.85 3.22 10.27
O2 OSB F . -15.58 5.25 9.79
C7 OSB F . -15.02 4.24 9.41
C6 OSB F . -13.68 4.99 5.85
C5 OSB F . -13.70 3.68 5.33
C4 OSB F . -14.14 2.59 6.11
C3 OSB F . -14.55 2.79 7.44
C2 OSB F . -14.56 4.09 8.00
C1 OSB F . -14.10 5.23 7.19
C8 OSB F . -14.06 6.62 7.70
C9 OSB F . -14.82 7.74 6.99
O3 OSB F . -13.42 6.86 8.72
C10 OSB F . -14.07 9.09 7.09
C11 OSB F . -14.33 9.76 8.43
O4 OSB F . -15.31 9.46 9.08
O5 OSB F . -13.46 10.66 8.90
#